data_5HDZ
#
_entry.id   5HDZ
#
_cell.length_a   86.303
_cell.length_b   89.914
_cell.length_c   131.554
_cell.angle_alpha   90.000
_cell.angle_beta   90.000
_cell.angle_gamma   90.000
#
_symmetry.space_group_name_H-M   'P 21 21 21'
#
loop_
_entity.id
_entity.type
_entity.pdbx_description
1 polymer 'Beta-secretase 1'
2 non-polymer 5-{(2E,4aR,7aR)-6-[5-fluoro-4-methyl-6-(methylsulfanyl)pyrimidin-2-yl]-2-imino-3-methyl-4-oxooctahydro-7aH-pyrrolo[3,4-d]pyrimidin-7a-yl}thiophene-2-carbonitrile
3 water water
#
_entity_poly.entity_id   1
_entity_poly.type   'polypeptide(L)'
_entity_poly.pdbx_seq_one_letter_code
;LRLPRETDEEPEEPGRRGSFVEMVDNLRGKSGQGYYVEMTVGSPPQTLNILVDTGSSNFAVGAAPHPFLHRYYQRQLSST
YRDLRKGVYVPYTQGKWEGELGTDLVSIPHGPNVTVRANIAAITESDKFFINGSNWEGILGLAYAEIARPDDSLEPFFDS
LVKQTHVPNLFSLQLCGAGFPLNQSEVLASVGGSMIIGGIDHSLYTGSLWYTPIRREWYYEVIIVRVEINGQDLKMDCKE
YNYDKSIVDSGTTNLRLPKKVFEAAVKSIKAASSTEKFPDGFWLGEQLVCWQAGTTPWNIFPVISLYLMGEVTNQSFRIT
ILPQQYLRPVEDVATSQDDCYKFAISQSSTGTVMGAVIMEGFYVVFDRARKRIGFAVSACHVHDEFRTAAVEGPFVTLDM
EDCGYNIPQTDEST
;
_entity_poly.pdbx_strand_id   A,B
#
loop_
_chem_comp.id
_chem_comp.type
_chem_comp.name
_chem_comp.formula
954 non-polymer 5-{(2E,4aR,7aR)-6-[5-fluoro-4-methyl-6-(methylsulfanyl)pyrimidin-2-yl]-2-imino-3-methyl-4-oxooctahydro-7aH-pyrrolo[3,4-d]pyrimidin-7a-yl}thiophene-2-carbonitrile 'C18 H18 F N7 O S2'
#
# COMPACT_ATOMS: atom_id res chain seq x y z
N GLY A 18 32.52 -0.12 26.23
CA GLY A 18 33.46 -1.13 26.71
C GLY A 18 32.83 -2.29 27.46
N SER A 19 32.93 -2.25 28.80
CA SER A 19 32.44 -3.27 29.74
C SER A 19 31.73 -2.56 30.91
N PHE A 20 30.48 -2.91 31.11
CA PHE A 20 29.57 -2.32 32.10
C PHE A 20 28.96 -3.45 32.89
N VAL A 21 29.82 -4.18 33.62
CA VAL A 21 29.43 -5.36 34.37
C VAL A 21 28.28 -5.12 35.35
N GLU A 22 28.23 -3.94 35.98
CA GLU A 22 27.18 -3.62 36.96
C GLU A 22 25.77 -3.56 36.30
N MET A 23 25.73 -3.30 34.99
CA MET A 23 24.46 -3.20 34.29
C MET A 23 24.09 -4.43 33.44
N VAL A 24 25.05 -5.30 33.15
CA VAL A 24 24.75 -6.51 32.38
C VAL A 24 23.80 -7.41 33.20
N ASP A 25 22.77 -7.96 32.51
CA ASP A 25 21.80 -8.87 33.09
C ASP A 25 20.89 -8.20 34.12
N ASN A 26 20.59 -6.90 33.92
CA ASN A 26 19.73 -6.19 34.87
C ASN A 26 18.25 -6.19 34.45
N LEU A 27 17.90 -6.86 33.34
CA LEU A 27 16.48 -6.93 32.95
C LEU A 27 15.89 -8.28 33.20
N ARG A 28 14.56 -8.31 33.36
CA ARG A 28 13.79 -9.55 33.45
C ARG A 28 12.53 -9.34 32.63
N GLY A 29 11.83 -10.43 32.32
CA GLY A 29 10.61 -10.37 31.56
C GLY A 29 10.68 -11.17 30.28
N LYS A 30 9.75 -10.87 29.37
CA LYS A 30 9.63 -11.60 28.11
C LYS A 30 8.88 -10.74 27.14
N SER A 31 8.87 -11.08 25.84
CA SER A 31 8.29 -10.19 24.83
C SER A 31 6.82 -9.86 25.03
N GLY A 32 6.01 -10.84 25.46
CA GLY A 32 4.56 -10.66 25.62
C GLY A 32 4.11 -9.75 26.74
N GLN A 33 4.86 -9.71 27.85
CA GLN A 33 4.51 -8.94 29.07
C GLN A 33 5.45 -7.76 29.31
N GLY A 34 6.50 -7.68 28.51
CA GLY A 34 7.50 -6.62 28.60
C GLY A 34 8.71 -6.98 29.42
N TYR A 35 9.77 -6.16 29.23
CA TYR A 35 11.04 -6.32 29.96
C TYR A 35 11.15 -5.19 30.95
N TYR A 36 11.58 -5.50 32.19
CA TYR A 36 11.58 -4.47 33.21
C TYR A 36 12.91 -4.45 33.95
N VAL A 37 13.19 -3.28 34.56
CA VAL A 37 14.42 -3.03 35.33
C VAL A 37 14.00 -2.58 36.72
N GLU A 38 14.82 -2.94 37.74
CA GLU A 38 14.48 -2.46 39.09
C GLU A 38 14.87 -1.01 39.21
N MET A 39 14.01 -0.21 39.88
CA MET A 39 14.34 1.19 40.16
C MET A 39 13.94 1.46 41.62
N THR A 40 14.42 2.60 42.16
CA THR A 40 13.94 3.04 43.46
C THR A 40 13.45 4.45 43.33
N VAL A 41 12.42 4.77 44.12
CA VAL A 41 11.85 6.12 44.15
C VAL A 41 11.70 6.54 45.62
N GLY A 42 12.00 7.80 45.90
CA GLY A 42 11.79 8.36 47.22
C GLY A 42 12.86 8.15 48.25
N SER A 43 12.63 8.76 49.43
CA SER A 43 13.53 8.71 50.58
C SER A 43 12.74 8.34 51.82
N PRO A 44 13.02 7.16 52.45
CA PRO A 44 14.00 6.14 52.05
C PRO A 44 13.56 5.50 50.73
N PRO A 45 14.48 4.84 50.02
CA PRO A 45 14.11 4.29 48.69
C PRO A 45 13.03 3.23 48.72
N GLN A 46 12.08 3.35 47.76
CA GLN A 46 11.01 2.38 47.57
C GLN A 46 11.33 1.65 46.27
N THR A 47 11.55 0.35 46.36
CA THR A 47 11.90 -0.46 45.19
C THR A 47 10.65 -0.79 44.36
N LEU A 48 10.76 -0.63 43.03
CA LEU A 48 9.69 -0.99 42.10
C LEU A 48 10.33 -1.60 40.86
N ASN A 49 9.57 -2.46 40.16
CA ASN A 49 9.98 -3.02 38.88
C ASN A 49 9.32 -2.18 37.81
N ILE A 50 10.12 -1.75 36.82
CA ILE A 50 9.63 -0.76 35.87
C ILE A 50 9.85 -1.19 34.42
N LEU A 51 8.77 -1.21 33.64
CA LEU A 51 8.82 -1.60 32.22
C LEU A 51 9.73 -0.66 31.44
N VAL A 52 10.66 -1.19 30.63
CA VAL A 52 11.52 -0.37 29.77
C VAL A 52 10.78 -0.14 28.45
N ASP A 53 10.34 1.11 28.23
CA ASP A 53 9.51 1.43 27.06
C ASP A 53 10.11 2.52 26.16
N THR A 54 10.70 2.12 25.02
CA THR A 54 11.23 3.13 24.08
C THR A 54 10.13 3.75 23.21
N GLY A 55 8.86 3.32 23.43
CA GLY A 55 7.69 3.84 22.70
C GLY A 55 6.87 4.91 23.44
N SER A 56 7.37 5.42 24.57
CA SER A 56 6.63 6.49 25.26
N SER A 57 7.26 8.42 26.78
CA SER A 57 8.28 9.31 27.29
C SER A 57 7.97 9.78 28.71
N ASN A 58 7.07 9.07 29.43
CA ASN A 58 6.76 9.40 30.82
C ASN A 58 7.30 8.34 31.75
N PHE A 59 7.69 8.76 32.95
CA PHE A 59 8.01 7.84 34.03
C PHE A 59 6.75 7.86 34.90
N ALA A 60 6.02 6.73 34.89
CA ALA A 60 4.74 6.64 35.58
C ALA A 60 4.71 5.39 36.40
N VAL A 61 4.31 5.51 37.69
CA VAL A 61 4.30 4.36 38.58
C VAL A 61 2.96 4.19 39.30
N GLY A 62 2.60 2.93 39.60
CA GLY A 62 1.42 2.68 40.43
C GLY A 62 1.61 3.41 41.76
N ALA A 63 0.61 4.20 42.18
CA ALA A 63 0.73 4.97 43.42
C ALA A 63 -0.50 4.81 44.30
N ALA A 64 -1.29 3.76 44.06
CA ALA A 64 -2.52 3.43 44.78
C ALA A 64 -2.80 1.94 44.61
N PRO A 65 -3.51 1.29 45.57
CA PRO A 65 -3.74 -0.16 45.42
C PRO A 65 -4.46 -0.52 44.13
N HIS A 66 -4.08 -1.67 43.58
CA HIS A 66 -4.67 -2.23 42.36
C HIS A 66 -4.60 -3.74 42.50
N PRO A 67 -5.64 -4.51 42.06
CA PRO A 67 -5.58 -5.98 42.21
C PRO A 67 -4.32 -6.67 41.66
N PHE A 68 -3.69 -6.08 40.62
CA PHE A 68 -2.51 -6.68 39.98
C PHE A 68 -1.16 -6.13 40.48
N LEU A 69 -1.18 -5.28 41.51
CA LEU A 69 0.05 -4.71 42.07
C LEU A 69 0.24 -5.25 43.48
N HIS A 70 1.46 -5.73 43.81
CA HIS A 70 1.75 -6.19 45.17
C HIS A 70 2.50 -5.09 45.93
N ARG A 71 2.86 -4.01 45.21
CA ARG A 71 3.51 -2.83 45.78
C ARG A 71 3.26 -1.62 44.92
N TYR A 72 3.39 -0.43 45.50
CA TYR A 72 3.17 0.80 44.79
C TYR A 72 3.90 1.93 45.50
N TYR A 73 4.07 3.04 44.80
CA TYR A 73 4.76 4.22 45.33
C TYR A 73 3.86 4.91 46.34
N GLN A 74 4.38 5.09 47.55
CA GLN A 74 3.68 5.73 48.68
C GLN A 74 4.33 7.09 48.93
N ARG A 75 3.77 8.13 48.29
CA ARG A 75 4.30 9.49 48.35
C ARG A 75 4.40 10.03 49.77
N GLN A 76 3.43 9.70 50.63
CA GLN A 76 3.42 10.18 52.02
C GLN A 76 4.58 9.64 52.84
N LEU A 77 5.22 8.56 52.39
CA LEU A 77 6.37 7.96 53.05
C LEU A 77 7.71 8.45 52.52
N SER A 78 7.69 9.36 51.52
CA SER A 78 8.92 9.88 50.95
C SER A 78 9.15 11.32 51.42
N SER A 79 10.25 11.57 52.12
CA SER A 79 10.56 12.92 52.61
C SER A 79 10.95 13.87 51.48
N THR A 80 11.38 13.29 50.33
CA THR A 80 11.82 14.08 49.19
C THR A 80 10.75 14.24 48.10
N TYR A 81 9.55 13.75 48.36
CA TYR A 81 8.45 13.93 47.43
C TYR A 81 8.10 15.42 47.30
N ARG A 82 7.87 15.88 46.07
CA ARG A 82 7.43 17.25 45.76
C ARG A 82 6.19 17.15 44.87
N ASP A 83 5.09 17.77 45.29
CA ASP A 83 3.83 17.74 44.56
C ASP A 83 3.84 18.85 43.51
N LEU A 84 3.61 18.50 42.24
CA LEU A 84 3.55 19.48 41.17
C LEU A 84 2.15 20.09 41.03
N ARG A 85 1.17 19.60 41.81
CA ARG A 85 -0.21 20.11 41.86
C ARG A 85 -0.82 20.08 40.46
N LYS A 86 -0.64 18.99 39.73
CA LYS A 86 -1.12 18.91 38.36
C LYS A 86 -1.44 17.47 38.02
N GLY A 87 -2.58 17.28 37.38
CA GLY A 87 -3.03 15.97 36.96
C GLY A 87 -2.53 15.62 35.57
N VAL A 88 -2.62 14.34 35.24
CA VAL A 88 -2.19 13.83 33.94
C VAL A 88 -3.13 12.65 33.58
N TYR A 89 -3.79 12.76 32.41
CA TYR A 89 -4.76 11.77 31.88
C TYR A 89 -4.20 11.23 30.55
N VAL A 90 -3.91 9.90 30.50
CA VAL A 90 -3.29 9.30 29.33
C VAL A 90 -4.13 8.17 28.70
N PRO A 91 -5.04 8.48 27.75
CA PRO A 91 -5.76 7.41 27.05
C PRO A 91 -5.02 7.01 25.76
N TYR A 92 -4.70 5.72 25.61
CA TYR A 92 -4.08 5.20 24.38
C TYR A 92 -5.00 4.09 23.82
N THR A 93 -4.71 3.58 22.60
CA THR A 93 -5.55 2.58 21.93
C THR A 93 -5.94 1.37 22.82
N GLN A 94 -4.95 0.66 23.39
CA GLN A 94 -5.18 -0.57 24.17
C GLN A 94 -5.44 -0.38 25.67
N GLY A 95 -5.33 0.84 26.19
CA GLY A 95 -5.53 1.08 27.61
C GLY A 95 -5.43 2.53 28.03
N LYS A 96 -5.41 2.76 29.36
CA LYS A 96 -5.38 4.10 29.92
C LYS A 96 -4.96 4.13 31.38
N TRP A 97 -4.55 5.31 31.82
CA TRP A 97 -4.22 5.60 33.21
C TRP A 97 -4.33 7.08 33.46
N GLU A 98 -4.60 7.45 34.70
CA GLU A 98 -4.62 8.84 35.13
C GLU A 98 -3.84 8.97 36.44
N GLY A 99 -3.23 10.11 36.64
CA GLY A 99 -2.44 10.28 37.83
C GLY A 99 -2.14 11.71 38.21
N GLU A 100 -1.22 11.83 39.17
CA GLU A 100 -0.84 13.09 39.75
C GLU A 100 0.64 13.28 39.57
N LEU A 101 1.04 14.41 39.03
CA LEU A 101 2.44 14.72 38.80
C LEU A 101 3.17 15.20 40.04
N GLY A 102 4.41 14.78 40.14
CA GLY A 102 5.31 15.22 41.20
C GLY A 102 6.73 14.91 40.83
N THR A 103 7.68 15.22 41.72
CA THR A 103 9.08 14.87 41.51
C THR A 103 9.57 14.13 42.75
N ASP A 104 10.63 13.33 42.58
CA ASP A 104 11.26 12.66 43.71
C ASP A 104 12.65 12.20 43.26
N LEU A 105 13.43 11.67 44.22
CA LEU A 105 14.76 11.16 43.92
C LEU A 105 14.62 9.73 43.42
N VAL A 106 15.28 9.45 42.30
CA VAL A 106 15.15 8.17 41.58
C VAL A 106 16.53 7.58 41.30
N SER A 107 16.66 6.27 41.50
CA SER A 107 17.91 5.55 41.24
C SER A 107 17.59 4.25 40.50
N ILE A 108 18.64 3.68 39.89
CA ILE A 108 18.58 2.39 39.20
C ILE A 108 19.66 1.54 39.90
N PRO A 109 19.26 0.64 40.83
CA PRO A 109 20.27 -0.13 41.61
C PRO A 109 21.32 -0.83 40.76
N HIS A 110 20.90 -1.41 39.62
CA HIS A 110 21.85 -2.08 38.71
C HIS A 110 22.04 -1.17 37.51
N GLY A 111 22.49 0.05 37.78
CA GLY A 111 22.60 1.10 36.79
C GLY A 111 23.80 1.96 37.07
N PRO A 112 23.76 3.24 36.64
CA PRO A 112 24.85 4.16 36.96
C PRO A 112 24.74 4.48 38.46
N ASN A 113 25.84 4.72 39.09
CA ASN A 113 25.77 4.98 40.53
C ASN A 113 25.46 6.44 40.79
N VAL A 114 24.23 6.83 40.43
CA VAL A 114 23.76 8.22 40.55
C VAL A 114 22.31 8.23 41.00
N THR A 115 21.88 9.36 41.57
CA THR A 115 20.49 9.53 42.00
C THR A 115 20.07 10.85 41.42
N VAL A 116 18.92 10.88 40.77
CA VAL A 116 18.50 12.12 40.14
C VAL A 116 17.13 12.52 40.58
N ARG A 117 16.86 13.82 40.46
CA ARG A 117 15.55 14.34 40.77
C ARG A 117 14.75 14.30 39.45
N ALA A 118 13.71 13.47 39.42
CA ALA A 118 12.94 13.28 38.19
C ALA A 118 11.45 13.42 38.38
N ASN A 119 10.75 13.70 37.27
CA ASN A 119 9.30 13.75 37.25
C ASN A 119 8.75 12.33 37.42
N ILE A 120 7.67 12.20 38.17
CA ILE A 120 6.99 10.93 38.37
C ILE A 120 5.50 11.19 38.27
N ALA A 121 4.83 10.44 37.39
CA ALA A 121 3.38 10.46 37.34
C ALA A 121 2.90 9.35 38.26
N ALA A 122 2.27 9.76 39.36
CA ALA A 122 1.79 8.82 40.34
C ALA A 122 0.41 8.32 39.90
N ILE A 123 0.33 7.08 39.42
CA ILE A 123 -0.92 6.54 38.88
C ILE A 123 -1.91 6.23 39.99
N THR A 124 -3.08 6.89 39.93
CA THR A 124 -4.12 6.73 40.95
C THR A 124 -5.33 5.92 40.44
N GLU A 125 -5.53 5.89 39.11
CA GLU A 125 -6.61 5.15 38.43
C GLU A 125 -6.10 4.66 37.09
N SER A 126 -6.50 3.45 36.68
CA SER A 126 -6.05 2.86 35.43
C SER A 126 -7.04 1.82 34.90
N ASP A 127 -7.00 1.57 33.58
CA ASP A 127 -7.86 0.59 32.91
C ASP A 127 -7.05 -0.16 31.87
N LYS A 128 -6.89 -1.48 32.08
CA LYS A 128 -6.16 -2.41 31.20
C LYS A 128 -4.68 -1.99 31.00
N PHE A 129 -4.09 -1.38 32.04
CA PHE A 129 -2.69 -0.94 32.03
C PHE A 129 -1.81 -1.98 32.75
N PHE A 130 -2.07 -2.24 34.05
CA PHE A 130 -1.32 -3.22 34.83
C PHE A 130 -1.65 -4.65 34.38
N ILE A 131 -0.62 -5.41 33.95
CA ILE A 131 -0.77 -6.79 33.46
C ILE A 131 -0.68 -7.75 34.65
N ASN A 132 -1.69 -8.60 34.82
CA ASN A 132 -1.69 -9.61 35.89
C ASN A 132 -0.50 -10.58 35.69
N GLY A 133 0.39 -10.63 36.69
CA GLY A 133 1.58 -11.48 36.69
C GLY A 133 2.79 -11.00 35.93
N SER A 134 2.79 -9.72 35.44
CA SER A 134 3.94 -9.16 34.68
C SER A 134 5.17 -8.85 35.56
N ASN A 135 4.91 -8.63 36.85
CA ASN A 135 5.89 -8.30 37.88
C ASN A 135 6.38 -6.84 37.80
N TRP A 136 5.77 -5.98 36.95
CA TRP A 136 6.17 -4.57 36.92
C TRP A 136 5.05 -3.67 37.47
N GLU A 137 5.45 -2.58 38.06
CA GLU A 137 4.56 -1.65 38.76
C GLU A 137 4.56 -0.25 38.17
N GLY A 138 5.27 -0.07 37.08
CA GLY A 138 5.35 1.23 36.44
C GLY A 138 6.04 1.11 35.10
N ILE A 139 6.18 2.25 34.40
CA ILE A 139 6.75 2.32 33.06
C ILE A 139 7.77 3.41 32.99
N LEU A 140 8.92 3.12 32.34
CA LEU A 140 9.99 4.07 32.08
C LEU A 140 9.98 4.41 30.61
N GLY A 141 9.37 5.53 30.27
CA GLY A 141 9.33 5.99 28.90
C GLY A 141 10.64 6.64 28.51
N LEU A 142 11.36 6.02 27.56
CA LEU A 142 12.68 6.46 27.17
C LEU A 142 12.73 7.29 25.90
N ALA A 143 11.56 7.55 25.28
CA ALA A 143 11.54 8.34 24.06
C ALA A 143 11.62 9.85 24.41
N TYR A 144 11.43 10.72 23.42
CA TYR A 144 11.67 12.16 23.58
C TYR A 144 10.50 12.96 24.13
N ALA A 145 10.83 14.16 24.66
CA ALA A 145 9.86 15.04 25.28
C ALA A 145 8.65 15.40 24.41
N GLU A 146 8.81 15.41 23.06
CA GLU A 146 7.70 15.75 22.16
C GLU A 146 6.42 14.99 22.44
N ILE A 147 6.54 13.68 22.82
CA ILE A 147 5.39 12.83 23.04
C ILE A 147 5.06 12.60 24.55
N ALA A 148 5.74 13.36 25.43
CA ALA A 148 5.45 13.29 26.87
C ALA A 148 4.07 13.87 27.16
N ARG A 149 3.40 13.35 28.20
CA ARG A 149 2.09 13.86 28.64
C ARG A 149 2.26 14.59 29.97
N PRO A 150 1.51 15.68 30.23
CA PRO A 150 0.48 16.32 29.35
C PRO A 150 1.03 17.02 28.12
N ASP A 151 2.30 17.45 28.17
CA ASP A 151 2.97 18.12 27.08
C ASP A 151 4.47 18.00 27.16
N ASP A 152 5.18 18.56 26.16
CA ASP A 152 6.63 18.46 26.07
C ASP A 152 7.41 19.25 27.15
N SER A 153 6.72 19.96 28.08
CA SER A 153 7.46 20.65 29.13
C SER A 153 7.79 19.70 30.31
N LEU A 154 7.18 18.48 30.32
CA LEU A 154 7.42 17.51 31.39
C LEU A 154 8.64 16.70 30.98
N GLU A 155 9.79 17.10 31.51
CA GLU A 155 11.08 16.52 31.17
C GLU A 155 11.11 15.00 31.39
N PRO A 156 11.40 14.19 30.33
CA PRO A 156 11.50 12.74 30.54
C PRO A 156 12.67 12.37 31.47
N PHE A 157 12.59 11.15 32.04
CA PHE A 157 13.62 10.66 32.94
C PHE A 157 15.02 10.72 32.36
N PHE A 158 15.23 10.19 31.14
CA PHE A 158 16.57 10.15 30.59
C PHE A 158 17.18 11.52 30.37
N ASP A 159 16.33 12.51 30.00
CA ASP A 159 16.77 13.89 29.84
C ASP A 159 17.27 14.44 31.20
N SER A 160 16.53 14.13 32.28
CA SER A 160 16.94 14.56 33.63
C SER A 160 18.25 13.90 34.04
N LEU A 161 18.36 12.58 33.79
CA LEU A 161 19.56 11.85 34.14
C LEU A 161 20.79 12.48 33.47
N VAL A 162 20.70 12.78 32.15
CA VAL A 162 21.83 13.34 31.42
C VAL A 162 22.14 14.75 31.92
N LYS A 163 21.09 15.55 32.20
CA LYS A 163 21.31 16.95 32.63
C LYS A 163 21.97 17.04 34.00
N GLN A 164 21.58 16.18 34.92
CA GLN A 164 22.05 16.23 36.31
C GLN A 164 23.34 15.49 36.62
N THR A 165 23.79 14.61 35.71
CA THR A 165 24.96 13.76 35.97
C THR A 165 25.93 13.82 34.79
N HIS A 166 27.00 13.00 34.82
CA HIS A 166 27.95 12.96 33.68
C HIS A 166 27.64 11.74 32.81
N VAL A 167 26.46 11.11 32.98
CA VAL A 167 26.11 9.92 32.20
C VAL A 167 26.00 10.32 30.73
N PRO A 168 26.74 9.63 29.81
CA PRO A 168 26.63 9.96 28.38
C PRO A 168 25.21 9.78 27.85
N ASN A 169 24.83 10.59 26.85
CA ASN A 169 23.48 10.61 26.27
C ASN A 169 23.28 9.44 25.30
N LEU A 170 23.27 8.25 25.86
CA LEU A 170 23.14 7.02 25.07
C LEU A 170 22.72 5.90 26.01
N PHE A 171 21.90 4.94 25.50
CA PHE A 171 21.64 3.73 26.25
C PHE A 171 21.53 2.63 25.24
N SER A 172 21.67 1.40 25.69
CA SER A 172 21.59 0.29 24.77
C SER A 172 20.83 -0.83 25.41
N LEU A 173 20.08 -1.59 24.57
CA LEU A 173 19.24 -2.67 25.08
C LEU A 173 19.52 -4.00 24.42
N GLN A 174 19.67 -5.04 25.23
CA GLN A 174 19.79 -6.41 24.78
C GLN A 174 18.60 -7.12 25.41
N LEU A 175 17.52 -7.37 24.63
CA LEU A 175 16.33 -8.08 25.16
C LEU A 175 16.51 -9.55 24.80
N CYS A 176 16.44 -10.44 25.79
CA CYS A 176 16.73 -11.85 25.57
C CYS A 176 15.50 -12.71 25.66
N GLY A 177 15.01 -13.16 24.51
CA GLY A 177 13.90 -14.12 24.49
C GLY A 177 14.47 -15.48 24.86
N ALA A 178 13.72 -16.28 25.68
CA ALA A 178 14.27 -17.57 26.09
C ALA A 178 14.24 -18.62 24.99
N GLY A 179 13.31 -18.47 24.03
CA GLY A 179 13.15 -19.47 22.97
C GLY A 179 12.19 -20.57 23.36
N PHE A 180 11.63 -20.50 24.59
CA PHE A 180 10.66 -21.47 25.08
C PHE A 180 9.86 -20.77 26.17
N PRO A 181 8.69 -21.30 26.59
CA PRO A 181 7.91 -20.60 27.61
C PRO A 181 8.60 -20.70 28.97
N LEU A 182 8.47 -19.65 29.75
CA LEU A 182 9.01 -19.61 31.13
C LEU A 182 7.80 -19.54 32.03
N ASN A 183 7.75 -20.41 33.06
CA ASN A 183 6.63 -20.38 34.00
C ASN A 183 6.81 -19.19 34.98
N GLN A 184 5.84 -18.96 35.88
CA GLN A 184 5.87 -17.86 36.86
C GLN A 184 7.19 -17.83 37.65
N SER A 185 7.64 -18.98 38.18
CA SER A 185 8.90 -18.99 38.95
C SER A 185 10.14 -18.79 38.08
N GLU A 186 10.16 -19.42 36.87
CA GLU A 186 11.27 -19.31 35.95
C GLU A 186 11.47 -17.89 35.45
N VAL A 187 10.37 -17.17 35.15
CA VAL A 187 10.45 -15.81 34.61
C VAL A 187 10.99 -14.86 35.70
N LEU A 188 10.76 -15.18 36.99
CA LEU A 188 11.29 -14.35 38.08
C LEU A 188 12.76 -14.65 38.34
N ALA A 189 13.19 -15.89 38.06
CA ALA A 189 14.57 -16.32 38.30
C ALA A 189 15.49 -16.14 37.10
N SER A 190 14.91 -15.91 35.92
CA SER A 190 15.64 -15.84 34.67
C SER A 190 16.12 -14.42 34.34
N VAL A 191 17.26 -14.34 33.64
CA VAL A 191 17.82 -13.09 33.13
C VAL A 191 17.15 -12.81 31.78
N GLY A 192 16.50 -11.65 31.69
CA GLY A 192 15.82 -11.25 30.47
C GLY A 192 16.62 -10.33 29.58
N GLY A 193 17.83 -9.96 29.98
CA GLY A 193 18.62 -9.08 29.14
C GLY A 193 19.32 -7.97 29.91
N SER A 194 19.76 -6.95 29.18
CA SER A 194 20.51 -5.85 29.76
C SER A 194 20.09 -4.53 29.22
N MET A 195 20.04 -3.54 30.11
CA MET A 195 19.90 -2.13 29.73
C MET A 195 21.19 -1.46 30.21
N ILE A 196 22.05 -1.07 29.27
CA ILE A 196 23.31 -0.39 29.58
C ILE A 196 23.04 1.09 29.44
N ILE A 197 23.04 1.78 30.58
CA ILE A 197 22.79 3.22 30.63
C ILE A 197 24.13 3.95 30.51
N GLY A 198 24.26 4.76 29.45
CA GLY A 198 25.45 5.56 29.17
C GLY A 198 26.55 4.88 28.39
N GLY A 199 26.27 3.70 27.82
CA GLY A 199 27.33 3.03 27.08
C GLY A 199 26.92 1.82 26.28
N ILE A 200 27.94 1.19 25.68
CA ILE A 200 27.84 0.02 24.83
C ILE A 200 28.70 -1.05 25.45
N ASP A 201 28.13 -2.20 25.75
CA ASP A 201 28.89 -3.31 26.32
C ASP A 201 29.17 -4.31 25.19
N HIS A 202 30.45 -4.47 24.84
CA HIS A 202 30.86 -5.35 23.74
C HIS A 202 30.60 -6.85 23.96
N SER A 203 30.33 -7.30 25.20
CA SER A 203 30.04 -8.72 25.41
C SER A 203 28.63 -9.11 24.92
N LEU A 204 27.78 -8.12 24.67
CA LEU A 204 26.36 -8.36 24.36
C LEU A 204 26.06 -8.61 22.90
N TYR A 205 27.06 -8.47 22.04
CA TYR A 205 26.84 -8.68 20.62
C TYR A 205 28.02 -9.33 19.94
N THR A 206 27.79 -9.80 18.72
CA THR A 206 28.85 -10.35 17.88
C THR A 206 28.86 -9.54 16.59
N GLY A 207 29.98 -9.56 15.88
CA GLY A 207 30.12 -8.83 14.64
C GLY A 207 30.11 -7.33 14.83
N SER A 208 29.74 -6.59 13.78
CA SER A 208 29.77 -5.14 13.79
C SER A 208 28.43 -4.50 14.10
N LEU A 209 28.49 -3.27 14.63
CA LEU A 209 27.31 -2.43 14.84
C LEU A 209 27.14 -1.61 13.58
N TRP A 210 25.91 -1.53 13.08
CA TRP A 210 25.55 -0.73 11.92
C TRP A 210 24.53 0.27 12.39
N TYR A 211 24.67 1.51 11.96
CA TYR A 211 23.78 2.56 12.43
C TYR A 211 22.85 3.12 11.39
N THR A 212 21.61 3.40 11.82
CA THR A 212 20.60 4.04 11.00
C THR A 212 20.25 5.40 11.63
N PRO A 213 20.03 6.47 10.86
CA PRO A 213 19.69 7.75 11.51
C PRO A 213 18.37 7.71 12.25
N ILE A 214 18.28 8.50 13.33
CA ILE A 214 16.99 8.75 13.97
C ILE A 214 16.42 9.87 13.11
N ARG A 215 15.32 9.59 12.38
CA ARG A 215 14.76 10.56 11.44
C ARG A 215 14.34 11.84 12.11
N ARG A 216 13.67 11.71 13.25
CA ARG A 216 13.17 12.82 14.04
C ARG A 216 13.05 12.33 15.47
N GLU A 217 13.32 13.23 16.42
CA GLU A 217 13.32 12.93 17.84
C GLU A 217 11.95 13.11 18.48
N TRP A 218 11.14 12.06 18.46
CA TRP A 218 9.83 12.07 19.12
C TRP A 218 9.69 10.63 19.61
N TYR A 219 9.24 9.71 18.76
CA TYR A 219 9.45 8.28 18.94
C TYR A 219 10.90 8.09 18.43
N TYR A 220 11.44 6.86 18.55
CA TYR A 220 12.71 6.55 17.91
C TYR A 220 12.39 6.13 16.48
N GLU A 221 12.23 7.15 15.62
CA GLU A 221 11.79 6.97 14.23
C GLU A 221 12.95 6.65 13.30
N VAL A 222 12.75 5.61 12.44
CA VAL A 222 13.76 5.20 11.47
C VAL A 222 13.12 5.08 10.08
N ILE A 223 13.96 4.81 9.04
CA ILE A 223 13.43 4.61 7.70
C ILE A 223 13.90 3.26 7.16
N ILE A 224 12.89 2.42 6.81
CA ILE A 224 13.10 1.11 6.16
C ILE A 224 13.08 1.35 4.64
N VAL A 225 14.08 0.82 3.91
CA VAL A 225 14.21 1.11 2.48
C VAL A 225 13.97 -0.11 1.58
N ARG A 226 13.91 -1.32 2.16
CA ARG A 226 13.69 -2.57 1.38
C ARG A 226 13.28 -3.64 2.37
N VAL A 227 12.45 -4.57 1.94
CA VAL A 227 12.05 -5.71 2.76
C VAL A 227 12.19 -6.96 1.90
N GLU A 228 12.81 -8.01 2.46
CA GLU A 228 12.92 -9.31 1.78
C GLU A 228 12.37 -10.40 2.66
N ILE A 229 11.80 -11.44 2.03
CA ILE A 229 11.36 -12.67 2.69
C ILE A 229 12.19 -13.77 2.03
N ASN A 230 13.12 -14.40 2.76
CA ASN A 230 14.00 -15.41 2.15
C ASN A 230 14.70 -14.87 0.88
N GLY A 231 15.15 -13.63 0.97
CA GLY A 231 15.91 -13.01 -0.12
C GLY A 231 15.04 -12.49 -1.26
N GLN A 232 13.72 -12.75 -1.22
CA GLN A 232 12.83 -12.27 -2.26
C GLN A 232 12.31 -10.90 -1.87
N ASP A 233 12.56 -9.92 -2.74
CA ASP A 233 12.14 -8.55 -2.52
C ASP A 233 10.61 -8.45 -2.47
N LEU A 234 10.04 -7.86 -1.41
CA LEU A 234 8.60 -7.65 -1.31
C LEU A 234 8.14 -6.67 -2.42
N LYS A 235 9.09 -5.87 -2.93
CA LYS A 235 8.95 -5.01 -4.11
C LYS A 235 7.86 -3.94 -4.01
N MET A 236 7.58 -3.45 -2.80
CA MET A 236 6.63 -2.36 -2.63
C MET A 236 7.37 -1.02 -2.70
N ASP A 237 6.66 0.09 -3.03
CA ASP A 237 7.26 1.41 -2.99
C ASP A 237 7.69 1.57 -1.52
N CYS A 238 8.95 1.95 -1.28
CA CYS A 238 9.48 1.99 0.09
C CYS A 238 8.72 2.93 1.02
N LYS A 239 7.97 3.92 0.47
CA LYS A 239 7.13 4.77 1.33
C LYS A 239 6.11 3.92 2.10
N GLU A 240 5.65 2.79 1.50
CA GLU A 240 4.67 1.94 2.14
C GLU A 240 5.22 1.35 3.43
N TYR A 241 6.53 1.07 3.48
CA TYR A 241 7.14 0.47 4.67
C TYR A 241 7.16 1.41 5.85
N ASN A 242 7.09 2.72 5.60
CA ASN A 242 7.17 3.74 6.64
C ASN A 242 5.90 4.56 6.71
N TYR A 243 4.76 3.97 6.30
CA TYR A 243 3.49 4.68 6.33
C TYR A 243 2.73 4.38 7.62
N ASP A 244 2.54 5.34 8.57
CA ASP A 244 2.94 6.75 8.49
C ASP A 244 4.24 7.07 9.22
N LYS A 245 4.84 6.04 9.85
CA LYS A 245 6.15 6.14 10.49
C LYS A 245 6.67 4.73 10.70
N SER A 246 7.95 4.60 11.02
CA SER A 246 8.54 3.34 11.45
C SER A 246 9.26 3.65 12.76
N ILE A 247 8.99 2.88 13.82
CA ILE A 247 9.66 3.17 15.12
C ILE A 247 10.24 1.92 15.74
N VAL A 248 11.18 2.12 16.69
CA VAL A 248 11.79 1.04 17.47
C VAL A 248 11.14 1.11 18.86
N ASP A 249 10.40 0.07 19.24
CA ASP A 249 9.59 0.14 20.46
C ASP A 249 9.66 -1.12 21.32
N SER A 250 10.45 -1.04 22.42
CA SER A 250 10.57 -2.17 23.33
C SER A 250 9.27 -2.52 24.06
N GLY A 251 8.30 -1.57 24.08
CA GLY A 251 7.02 -1.76 24.73
C GLY A 251 5.96 -2.47 23.89
N THR A 252 6.28 -2.78 22.61
CA THR A 252 5.38 -3.55 21.73
C THR A 252 5.96 -4.93 21.64
N THR A 253 5.11 -5.95 21.64
CA THR A 253 5.59 -7.33 21.55
C THR A 253 5.98 -7.67 20.14
N ASN A 254 5.07 -7.42 19.19
CA ASN A 254 5.25 -7.88 17.82
C ASN A 254 6.10 -7.00 16.92
N LEU A 255 6.39 -7.55 15.71
CA LEU A 255 6.78 -6.76 14.58
C LEU A 255 5.43 -6.36 13.98
N ARG A 256 5.10 -5.06 14.00
CA ARG A 256 3.81 -4.60 13.45
C ARG A 256 4.09 -3.91 12.13
N LEU A 257 3.27 -4.21 11.09
CA LEU A 257 3.51 -3.66 9.77
C LEU A 257 2.25 -2.95 9.28
N PRO A 258 2.44 -1.86 8.51
CA PRO A 258 1.27 -1.18 7.92
C PRO A 258 0.43 -2.20 7.15
N LYS A 259 -0.90 -2.01 7.16
CA LYS A 259 -1.86 -2.94 6.55
C LYS A 259 -1.40 -3.54 5.20
N LYS A 260 -1.08 -2.69 4.21
CA LYS A 260 -0.72 -3.24 2.90
C LYS A 260 0.57 -4.06 2.93
N VAL A 261 1.52 -3.61 3.76
CA VAL A 261 2.79 -4.32 3.89
C VAL A 261 2.55 -5.66 4.59
N PHE A 262 1.71 -5.65 5.63
CA PHE A 262 1.37 -6.88 6.33
C PHE A 262 0.73 -7.87 5.36
N GLU A 263 -0.24 -7.41 4.56
CA GLU A 263 -0.91 -8.28 3.59
C GLU A 263 0.11 -8.89 2.61
N ALA A 264 1.06 -8.08 2.10
CA ALA A 264 2.05 -8.61 1.15
C ALA A 264 3.04 -9.58 1.85
N ALA A 265 3.48 -9.20 3.08
CA ALA A 265 4.43 -10.04 3.82
C ALA A 265 3.82 -11.38 4.20
N VAL A 266 2.56 -11.37 4.72
CA VAL A 266 1.95 -12.65 5.11
C VAL A 266 1.75 -13.55 3.90
N LYS A 267 1.39 -12.96 2.75
CA LYS A 267 1.25 -13.79 1.54
C LYS A 267 2.60 -14.46 1.21
N SER A 268 3.71 -13.69 1.32
CA SER A 268 5.02 -14.23 1.01
C SER A 268 5.48 -15.27 2.06
N ILE A 269 5.18 -15.02 3.36
CA ILE A 269 5.55 -15.96 4.42
C ILE A 269 4.74 -17.25 4.28
N LYS A 270 3.44 -17.12 3.95
CA LYS A 270 2.63 -18.33 3.71
C LYS A 270 3.19 -19.13 2.51
N ALA A 271 3.57 -18.41 1.43
CA ALA A 271 4.11 -19.12 0.24
C ALA A 271 5.42 -19.84 0.57
N ALA A 272 6.28 -19.22 1.38
CA ALA A 272 7.55 -19.86 1.72
C ALA A 272 7.37 -21.07 2.62
N SER A 273 6.35 -21.04 3.48
CA SER A 273 6.08 -22.11 4.45
C SER A 273 4.97 -23.06 3.97
N SER A 274 4.65 -23.02 2.67
CA SER A 274 3.48 -23.72 2.10
C SER A 274 3.48 -25.22 2.23
N THR A 275 4.60 -25.86 2.60
CA THR A 275 4.58 -27.32 2.81
C THR A 275 3.74 -27.70 4.05
N GLU A 276 3.38 -26.73 4.90
CA GLU A 276 2.48 -26.96 6.04
C GLU A 276 1.41 -25.86 5.99
N LYS A 277 0.13 -26.25 6.11
CA LYS A 277 -0.97 -25.31 6.12
C LYS A 277 -1.34 -24.97 7.56
N PHE A 278 -1.48 -23.68 7.83
CA PHE A 278 -1.84 -23.22 9.17
C PHE A 278 -3.18 -22.54 9.08
N PRO A 279 -3.99 -22.63 10.16
CA PRO A 279 -5.31 -22.00 10.12
C PRO A 279 -5.25 -20.48 10.07
N ASP A 280 -6.34 -19.84 9.60
CA ASP A 280 -6.38 -18.39 9.51
C ASP A 280 -6.10 -17.72 10.86
N GLY A 281 -6.57 -18.31 11.96
CA GLY A 281 -6.36 -17.78 13.31
C GLY A 281 -4.88 -17.68 13.68
N PHE A 282 -4.05 -18.56 13.12
CA PHE A 282 -2.60 -18.52 13.37
C PHE A 282 -2.03 -17.26 12.76
N TRP A 283 -2.34 -17.00 11.47
CA TRP A 283 -1.80 -15.84 10.75
C TRP A 283 -2.32 -14.50 11.28
N LEU A 284 -3.45 -14.54 12.02
CA LEU A 284 -4.04 -13.38 12.68
C LEU A 284 -3.39 -13.11 14.04
N GLY A 285 -2.45 -13.97 14.43
CA GLY A 285 -1.72 -13.82 15.70
C GLY A 285 -2.52 -14.17 16.94
N GLU A 286 -3.70 -14.80 16.76
CA GLU A 286 -4.62 -15.16 17.85
C GLU A 286 -4.45 -16.58 18.35
N GLN A 287 -4.24 -17.52 17.43
CA GLN A 287 -4.24 -18.94 17.72
C GLN A 287 -2.84 -19.49 17.76
N LEU A 288 -2.57 -20.37 18.73
CA LEU A 288 -1.28 -21.01 18.79
C LEU A 288 -1.20 -22.18 17.81
N VAL A 289 0.02 -22.55 17.44
CA VAL A 289 0.33 -23.72 16.64
C VAL A 289 1.31 -24.51 17.49
N CYS A 290 1.13 -25.84 17.53
CA CYS A 290 1.98 -26.72 18.34
C CYS A 290 2.60 -27.80 17.50
N TRP A 291 3.79 -28.25 17.90
CA TRP A 291 4.45 -29.39 17.32
C TRP A 291 4.94 -30.31 18.46
N GLN A 292 5.11 -31.61 18.16
CA GLN A 292 5.67 -32.55 19.14
C GLN A 292 7.02 -31.97 19.62
N ALA A 293 7.33 -32.17 20.91
CA ALA A 293 8.56 -31.65 21.53
C ALA A 293 9.79 -31.81 20.65
N GLY A 294 10.47 -30.68 20.39
CA GLY A 294 11.72 -30.65 19.64
C GLY A 294 11.58 -30.71 18.13
N THR A 295 10.35 -30.82 17.60
CA THR A 295 10.15 -31.00 16.15
C THR A 295 9.71 -29.74 15.39
N THR A 296 9.74 -28.55 16.04
CA THR A 296 9.34 -27.31 15.34
C THR A 296 10.12 -27.24 14.01
N PRO A 297 9.40 -27.13 12.87
CA PRO A 297 10.08 -27.14 11.56
C PRO A 297 10.57 -25.73 11.18
N TRP A 298 11.54 -25.24 11.95
CA TRP A 298 12.06 -23.90 11.69
C TRP A 298 12.42 -23.69 10.22
N ASN A 299 13.00 -24.73 9.59
CA ASN A 299 13.52 -24.61 8.23
C ASN A 299 12.45 -24.31 7.17
N ILE A 300 11.16 -24.58 7.48
CA ILE A 300 10.15 -24.29 6.45
C ILE A 300 9.76 -22.81 6.46
N PHE A 301 10.08 -22.12 7.57
CA PHE A 301 9.76 -20.70 7.70
C PHE A 301 10.90 -19.84 7.18
N PRO A 302 10.56 -18.73 6.52
CA PRO A 302 11.62 -17.91 5.91
C PRO A 302 12.28 -16.96 6.89
N VAL A 303 13.47 -16.47 6.51
CA VAL A 303 14.06 -15.37 7.25
C VAL A 303 13.43 -14.08 6.69
N ILE A 304 13.49 -13.00 7.47
CA ILE A 304 12.96 -11.70 7.05
C ILE A 304 14.03 -10.68 7.23
N SER A 305 14.32 -9.93 6.16
CA SER A 305 15.32 -8.88 6.22
C SER A 305 14.68 -7.54 6.05
N LEU A 306 15.06 -6.60 6.93
CA LEU A 306 14.63 -5.20 6.81
C LEU A 306 15.91 -4.42 6.52
N TYR A 307 15.91 -3.65 5.41
CA TYR A 307 17.05 -2.79 5.07
C TYR A 307 16.74 -1.42 5.64
N LEU A 308 17.72 -0.85 6.32
CA LEU A 308 17.57 0.44 6.96
C LEU A 308 18.52 1.44 6.31
N MET A 309 18.10 2.72 6.27
CA MET A 309 18.95 3.78 5.75
C MET A 309 20.27 3.80 6.56
N GLY A 310 21.39 3.95 5.89
CA GLY A 310 22.69 4.00 6.55
C GLY A 310 23.09 5.43 6.89
N GLU A 311 24.26 5.58 7.49
CA GLU A 311 24.76 6.92 7.87
C GLU A 311 25.46 7.61 6.71
N VAL A 312 25.94 6.81 5.74
CA VAL A 312 26.65 7.30 4.54
C VAL A 312 25.61 7.50 3.44
N THR A 313 25.75 8.57 2.62
CA THR A 313 24.82 8.87 1.53
C THR A 313 24.75 7.66 0.58
N ASN A 314 23.53 7.32 0.14
CA ASN A 314 23.24 6.22 -0.79
C ASN A 314 23.67 4.82 -0.28
N GLN A 315 23.79 4.66 1.04
CA GLN A 315 24.18 3.41 1.66
C GLN A 315 23.10 2.92 2.60
N SER A 316 22.83 1.61 2.56
CA SER A 316 21.91 1.00 3.52
C SER A 316 22.59 -0.25 4.11
N PHE A 317 21.95 -0.83 5.13
CA PHE A 317 22.41 -2.12 5.66
C PHE A 317 21.14 -2.92 5.94
N ARG A 318 21.28 -4.22 6.23
CA ARG A 318 20.10 -5.01 6.53
C ARG A 318 20.23 -5.74 7.87
N ILE A 319 19.08 -5.94 8.51
CA ILE A 319 18.98 -6.78 9.71
C ILE A 319 18.10 -7.94 9.32
N THR A 320 18.51 -9.15 9.68
CA THR A 320 17.77 -10.35 9.28
C THR A 320 17.38 -11.13 10.51
N ILE A 321 16.08 -11.46 10.60
CA ILE A 321 15.57 -12.25 11.72
C ILE A 321 15.10 -13.59 11.23
N LEU A 322 15.02 -14.52 12.18
CA LEU A 322 14.62 -15.87 11.91
C LEU A 322 13.20 -16.11 12.44
N PRO A 323 12.57 -17.24 12.06
CA PRO A 323 11.30 -17.61 12.70
C PRO A 323 11.45 -17.77 14.22
N GLN A 324 12.69 -18.05 14.72
CA GLN A 324 12.88 -18.13 16.18
C GLN A 324 12.63 -16.77 16.83
N GLN A 325 12.68 -15.66 16.08
CA GLN A 325 12.28 -14.36 16.60
C GLN A 325 10.79 -14.11 16.37
N TYR A 326 10.23 -14.39 15.16
CA TYR A 326 8.85 -13.97 14.91
C TYR A 326 7.80 -15.00 15.27
N LEU A 327 8.19 -16.18 15.76
CA LEU A 327 7.26 -17.16 16.34
C LEU A 327 7.51 -17.08 17.85
N ARG A 328 6.52 -16.57 18.60
CA ARG A 328 6.67 -16.32 20.04
C ARG A 328 6.26 -17.56 20.85
N PRO A 329 7.18 -18.13 21.65
CA PRO A 329 6.81 -19.34 22.42
C PRO A 329 5.72 -19.06 23.44
N VAL A 330 4.74 -19.98 23.50
CA VAL A 330 3.61 -19.88 24.43
C VAL A 330 3.35 -21.28 24.98
N GLU A 331 2.77 -21.37 26.17
CA GLU A 331 2.39 -22.66 26.71
C GLU A 331 1.07 -23.09 26.05
N ASP A 332 0.88 -24.40 25.91
CA ASP A 332 -0.31 -25.02 25.30
C ASP A 332 -1.59 -24.71 26.09
N SER A 336 0.77 -30.02 28.12
CA SER A 336 1.39 -30.96 27.19
C SER A 336 2.91 -30.73 27.13
N GLN A 337 3.61 -31.61 26.40
CA GLN A 337 5.04 -31.47 26.19
C GLN A 337 5.31 -30.91 24.80
N ASP A 338 4.26 -30.47 24.09
CA ASP A 338 4.47 -29.88 22.77
C ASP A 338 5.17 -28.54 22.87
N ASP A 339 5.80 -28.13 21.77
CA ASP A 339 6.41 -26.81 21.62
C ASP A 339 5.42 -25.99 20.81
N CYS A 340 4.88 -24.92 21.41
CA CYS A 340 3.84 -24.08 20.83
C CYS A 340 4.25 -22.65 20.68
N TYR A 341 3.65 -21.99 19.68
CA TYR A 341 3.99 -20.60 19.36
C TYR A 341 2.82 -19.82 18.82
N LYS A 342 2.91 -18.48 18.94
CA LYS A 342 1.98 -17.59 18.27
C LYS A 342 2.77 -16.82 17.21
N PHE A 343 2.11 -16.48 16.11
CA PHE A 343 2.73 -15.67 15.06
C PHE A 343 2.78 -14.23 15.56
N ALA A 344 3.97 -13.67 15.68
CA ALA A 344 4.21 -12.36 16.27
C ALA A 344 4.50 -11.28 15.27
N ILE A 345 3.84 -11.36 14.11
CA ILE A 345 3.84 -10.30 13.11
C ILE A 345 2.38 -9.95 12.95
N SER A 346 2.07 -8.66 13.03
CA SER A 346 0.66 -8.25 12.96
C SER A 346 0.49 -6.92 12.28
N GLN A 347 -0.74 -6.61 11.92
CA GLN A 347 -1.08 -5.41 11.17
C GLN A 347 -1.12 -4.17 12.05
N SER A 348 -0.85 -3.02 11.46
CA SER A 348 -0.90 -1.74 12.14
C SER A 348 -1.55 -0.70 11.22
N SER A 349 -2.25 0.28 11.82
CA SER A 349 -2.78 1.42 11.08
C SER A 349 -1.97 2.69 11.48
N THR A 350 -0.90 2.52 12.31
CA THR A 350 -0.04 3.59 12.81
C THR A 350 1.44 3.42 12.46
N GLY A 351 1.73 2.71 11.36
CA GLY A 351 3.09 2.54 10.87
C GLY A 351 3.77 1.26 11.35
N THR A 352 5.02 1.10 10.95
CA THR A 352 5.79 -0.08 11.36
C THR A 352 6.22 0.08 12.80
N VAL A 353 6.18 -1.02 13.56
CA VAL A 353 6.68 -1.01 14.92
C VAL A 353 7.65 -2.19 15.03
N MET A 354 8.92 -1.87 15.27
CA MET A 354 9.94 -2.89 15.49
C MET A 354 9.90 -3.18 17.01
N GLY A 355 9.06 -4.13 17.40
CA GLY A 355 8.82 -4.49 18.77
C GLY A 355 9.83 -5.47 19.31
N ALA A 356 9.49 -6.02 20.46
CA ALA A 356 10.37 -6.87 21.22
C ALA A 356 10.80 -8.09 20.48
N VAL A 357 9.93 -8.72 19.67
CA VAL A 357 10.35 -9.95 18.99
C VAL A 357 11.48 -9.62 17.93
N ILE A 358 11.51 -8.38 17.31
CA ILE A 358 12.61 -7.87 16.46
C ILE A 358 13.85 -7.57 17.36
N MET A 359 13.61 -6.80 18.43
CA MET A 359 14.73 -6.43 19.31
C MET A 359 15.42 -7.63 19.93
N GLU A 360 14.71 -8.76 20.11
CA GLU A 360 15.33 -9.96 20.69
C GLU A 360 16.43 -10.53 19.79
N GLY A 361 16.44 -10.18 18.50
CA GLY A 361 17.50 -10.66 17.63
C GLY A 361 18.78 -9.86 17.71
N PHE A 362 18.69 -8.61 18.28
CA PHE A 362 19.79 -7.66 18.18
C PHE A 362 20.09 -6.96 19.44
N TYR A 363 21.34 -6.49 19.52
CA TYR A 363 21.72 -5.55 20.55
C TYR A 363 21.44 -4.20 19.86
N VAL A 364 20.65 -3.35 20.53
CA VAL A 364 20.19 -2.10 19.93
C VAL A 364 20.71 -0.91 20.72
N VAL A 365 21.48 -0.06 20.05
CA VAL A 365 22.11 1.10 20.68
C VAL A 365 21.32 2.37 20.34
N PHE A 366 20.76 3.03 21.38
CA PHE A 366 19.96 4.25 21.20
C PHE A 366 20.93 5.39 21.43
N ASP A 367 21.67 5.72 20.35
CA ASP A 367 22.70 6.75 20.44
C ASP A 367 22.06 8.12 20.23
N ARG A 368 21.49 8.65 21.33
CA ARG A 368 20.80 9.93 21.29
C ARG A 368 21.76 11.08 20.96
N ALA A 369 22.99 10.99 21.51
CA ALA A 369 24.03 12.01 21.30
C ALA A 369 24.34 12.23 19.83
N ARG A 370 24.37 11.14 19.03
CA ARG A 370 24.68 11.17 17.60
C ARG A 370 23.44 10.95 16.72
N LYS A 371 22.22 11.01 17.32
CA LYS A 371 20.95 10.91 16.59
C LYS A 371 20.95 9.67 15.67
N ARG A 372 21.28 8.50 16.25
CA ARG A 372 21.35 7.30 15.43
C ARG A 372 21.01 6.08 16.28
N ILE A 373 20.57 5.00 15.61
CA ILE A 373 20.27 3.75 16.32
C ILE A 373 21.18 2.68 15.71
N GLY A 374 21.92 1.97 16.57
CA GLY A 374 22.78 0.89 16.11
C GLY A 374 22.19 -0.47 16.33
N PHE A 375 22.51 -1.38 15.39
CA PHE A 375 22.09 -2.78 15.48
C PHE A 375 23.27 -3.68 15.29
N ALA A 376 23.35 -4.70 16.12
CA ALA A 376 24.32 -5.80 15.99
C ALA A 376 23.63 -7.10 16.35
N VAL A 377 24.14 -8.23 15.85
CA VAL A 377 23.59 -9.51 16.23
C VAL A 377 23.70 -9.72 17.73
N SER A 378 22.59 -10.05 18.39
CA SER A 378 22.65 -10.24 19.83
C SER A 378 23.33 -11.54 20.21
N ALA A 379 24.15 -11.47 21.28
CA ALA A 379 24.79 -12.66 21.85
C ALA A 379 23.71 -13.60 22.47
N CYS A 380 22.47 -13.12 22.69
CA CYS A 380 21.44 -13.99 23.26
C CYS A 380 20.29 -14.26 22.27
N HIS A 381 20.47 -14.05 20.97
CA HIS A 381 19.37 -14.38 20.06
C HIS A 381 19.22 -15.90 19.93
N VAL A 382 17.97 -16.33 19.77
CA VAL A 382 17.65 -17.75 19.62
C VAL A 382 17.84 -18.13 18.14
N HIS A 383 18.51 -19.26 17.91
CA HIS A 383 18.72 -19.69 16.53
C HIS A 383 18.86 -21.20 16.52
N ASP A 384 19.21 -21.76 15.37
CA ASP A 384 19.46 -23.19 15.25
C ASP A 384 20.86 -23.39 14.67
N GLU A 385 21.23 -24.63 14.35
CA GLU A 385 22.59 -24.89 13.85
C GLU A 385 22.77 -24.46 12.38
N PHE A 386 21.66 -24.16 11.71
CA PHE A 386 21.74 -23.86 10.30
C PHE A 386 21.67 -22.41 9.90
N ARG A 387 21.01 -21.57 10.73
CA ARG A 387 20.82 -20.17 10.40
C ARG A 387 21.00 -19.34 11.66
N THR A 388 21.43 -18.09 11.47
CA THR A 388 21.56 -17.13 12.56
C THR A 388 20.98 -15.79 12.10
N ALA A 389 20.60 -14.95 13.08
CA ALA A 389 20.23 -13.59 12.76
C ALA A 389 21.51 -12.90 12.18
N ALA A 390 21.31 -11.79 11.47
CA ALA A 390 22.44 -11.12 10.83
C ALA A 390 22.24 -9.64 10.77
N VAL A 391 23.36 -8.89 10.72
CA VAL A 391 23.39 -7.44 10.47
C VAL A 391 24.52 -7.27 9.47
N GLU A 392 24.16 -6.87 8.24
CA GLU A 392 25.13 -6.87 7.14
C GLU A 392 25.05 -5.63 6.29
N GLY A 393 26.19 -5.25 5.72
CA GLY A 393 26.21 -4.12 4.80
C GLY A 393 27.61 -3.91 4.28
N PRO A 394 27.81 -2.85 3.47
CA PRO A 394 26.79 -1.94 2.97
C PRO A 394 26.18 -2.38 1.65
N PHE A 395 25.05 -1.74 1.32
CA PHE A 395 24.35 -1.90 0.05
C PHE A 395 24.17 -0.55 -0.56
N VAL A 396 24.26 -0.47 -1.88
CA VAL A 396 24.02 0.80 -2.55
C VAL A 396 22.50 0.98 -2.70
N THR A 397 21.93 2.04 -2.09
CA THR A 397 20.50 2.32 -2.18
C THR A 397 20.30 3.78 -2.51
N LEU A 398 19.57 4.05 -3.61
CA LEU A 398 19.33 5.43 -4.04
C LEU A 398 17.99 5.96 -3.54
N ASP A 399 17.88 7.31 -3.47
CA ASP A 399 16.66 8.05 -3.10
C ASP A 399 15.98 7.56 -1.82
N MET A 400 16.78 7.31 -0.77
CA MET A 400 16.27 6.80 0.51
C MET A 400 15.39 7.80 1.27
N GLU A 401 15.61 9.11 1.07
CA GLU A 401 14.80 10.17 1.68
C GLU A 401 13.34 10.06 1.21
N ASP A 402 13.14 9.55 -0.04
CA ASP A 402 11.83 9.32 -0.63
C ASP A 402 11.05 8.25 0.12
N CYS A 403 11.74 7.41 0.92
CA CYS A 403 11.06 6.34 1.67
C CYS A 403 10.33 6.86 2.90
N GLY A 404 10.68 8.06 3.35
CA GLY A 404 10.03 8.67 4.50
C GLY A 404 8.67 9.24 4.17
N TYR A 405 7.70 9.10 5.09
CA TYR A 405 6.36 9.65 4.90
C TYR A 405 6.27 11.07 5.43
N ASN A 406 5.55 11.94 4.70
CA ASN A 406 5.30 13.33 5.08
C ASN A 406 3.77 13.58 5.06
N ILE A 407 3.27 14.41 6.00
CA ILE A 407 1.86 14.82 6.17
C ILE A 407 1.03 13.66 6.71
N GLY B 18 -29.57 0.72 -34.39
CA GLY B 18 -30.62 1.72 -34.56
C GLY B 18 -30.68 2.79 -33.49
N SER B 19 -31.64 2.63 -32.56
CA SER B 19 -31.92 3.54 -31.45
C SER B 19 -32.13 2.72 -30.17
N PHE B 20 -31.31 3.02 -29.15
CA PHE B 20 -31.30 2.31 -27.87
C PHE B 20 -31.40 3.34 -26.76
N VAL B 21 -32.53 4.08 -26.74
CA VAL B 21 -32.80 5.17 -25.81
C VAL B 21 -32.57 4.80 -24.35
N GLU B 22 -32.97 3.58 -23.92
CA GLU B 22 -32.82 3.10 -22.55
C GLU B 22 -31.33 3.07 -22.11
N MET B 23 -30.41 2.92 -23.08
CA MET B 23 -28.97 2.81 -22.78
C MET B 23 -28.17 4.08 -23.05
N VAL B 24 -28.70 5.01 -23.83
CA VAL B 24 -27.98 6.26 -24.10
C VAL B 24 -27.83 7.03 -22.77
N ASP B 25 -26.63 7.60 -22.54
CA ASP B 25 -26.31 8.41 -21.38
C ASP B 25 -26.28 7.60 -20.07
N ASN B 26 -25.89 6.30 -20.17
CA ASN B 26 -25.84 5.48 -18.95
C ASN B 26 -24.45 5.46 -18.31
N LEU B 27 -23.46 6.21 -18.86
CA LEU B 27 -22.15 6.27 -18.22
C LEU B 27 -21.90 7.58 -17.52
N ARG B 28 -21.01 7.55 -16.53
CA ARG B 28 -20.51 8.74 -15.85
C ARG B 28 -19.03 8.55 -15.67
N GLY B 29 -18.34 9.62 -15.35
CA GLY B 29 -16.91 9.59 -15.08
C GLY B 29 -16.12 10.48 -16.01
N LYS B 30 -14.82 10.18 -16.07
CA LYS B 30 -13.90 10.99 -16.86
C LYS B 30 -12.68 10.17 -17.18
N SER B 31 -11.81 10.60 -18.13
CA SER B 31 -10.69 9.79 -18.58
C SER B 31 -9.69 9.38 -17.50
N GLY B 32 -9.40 10.32 -16.57
CA GLY B 32 -8.43 10.11 -15.51
C GLY B 32 -8.81 9.13 -14.43
N GLN B 33 -10.12 9.02 -14.12
CA GLN B 33 -10.62 8.15 -13.04
C GLN B 33 -11.51 7.01 -13.55
N GLY B 34 -11.75 6.99 -14.85
CA GLY B 34 -12.51 5.97 -15.54
C GLY B 34 -13.98 6.30 -15.73
N TYR B 35 -14.60 5.58 -16.64
CA TYR B 35 -16.04 5.71 -16.93
C TYR B 35 -16.75 4.51 -16.35
N TYR B 36 -17.89 4.73 -15.70
CA TYR B 36 -18.56 3.62 -15.02
C TYR B 36 -20.05 3.57 -15.35
N VAL B 37 -20.62 2.39 -15.15
CA VAL B 37 -22.03 2.10 -15.40
C VAL B 37 -22.63 1.51 -14.11
N GLU B 38 -23.92 1.81 -13.86
CA GLU B 38 -24.54 1.23 -12.68
C GLU B 38 -24.87 -0.23 -12.94
N MET B 39 -24.63 -1.09 -11.93
CA MET B 39 -25.05 -2.49 -12.02
C MET B 39 -25.68 -2.89 -10.69
N THR B 40 -26.37 -4.04 -10.68
CA THR B 40 -26.85 -4.59 -9.40
C THR B 40 -26.35 -6.01 -9.29
N VAL B 41 -26.04 -6.39 -8.05
CA VAL B 41 -25.60 -7.76 -7.76
C VAL B 41 -26.41 -8.30 -6.58
N GLY B 42 -26.78 -9.57 -6.66
CA GLY B 42 -27.45 -10.23 -5.56
C GLY B 42 -28.96 -10.07 -5.47
N SER B 43 -29.52 -10.76 -4.46
CA SER B 43 -30.97 -10.76 -4.17
C SER B 43 -31.17 -10.53 -2.68
N PRO B 44 -31.81 -9.40 -2.28
CA PRO B 44 -32.33 -8.32 -3.13
C PRO B 44 -31.16 -7.58 -3.80
N PRO B 45 -31.42 -6.82 -4.88
CA PRO B 45 -30.30 -6.21 -5.60
C PRO B 45 -29.51 -5.19 -4.81
N GLN B 46 -28.17 -5.27 -4.94
CA GLN B 46 -27.25 -4.32 -4.33
C GLN B 46 -26.69 -3.50 -5.47
N THR B 47 -26.97 -2.18 -5.45
CA THR B 47 -26.50 -1.28 -6.51
C THR B 47 -25.02 -0.93 -6.29
N LEU B 48 -24.22 -1.01 -7.38
CA LEU B 48 -22.83 -0.61 -7.34
C LEU B 48 -22.53 0.11 -8.66
N ASN B 49 -21.54 1.00 -8.64
CA ASN B 49 -21.03 1.66 -9.84
C ASN B 49 -19.81 0.89 -10.26
N ILE B 50 -19.76 0.55 -11.57
CA ILE B 50 -18.74 -0.37 -12.05
C ILE B 50 -17.96 0.18 -13.23
N LEU B 51 -16.63 0.25 -13.09
CA LEU B 51 -15.74 0.72 -14.16
C LEU B 51 -15.88 -0.14 -15.43
N VAL B 52 -16.06 0.51 -16.61
CA VAL B 52 -16.12 -0.20 -17.88
C VAL B 52 -14.68 -0.36 -18.37
N ASP B 53 -14.16 -1.61 -18.35
CA ASP B 53 -12.77 -1.87 -18.70
C ASP B 53 -12.59 -2.86 -19.87
N THR B 54 -12.31 -2.35 -21.08
CA THR B 54 -12.07 -3.25 -22.21
C THR B 54 -10.65 -3.86 -22.21
N GLY B 55 -9.85 -3.50 -21.18
CA GLY B 55 -8.48 -4.01 -21.00
C GLY B 55 -8.33 -5.15 -20.01
N SER B 56 -9.43 -5.76 -19.53
CA SER B 56 -9.37 -6.93 -18.64
C SER B 56 -10.64 -7.74 -18.83
N SER B 57 -10.74 -8.91 -18.14
CA SER B 57 -11.85 -9.81 -18.45
C SER B 57 -12.51 -10.41 -17.23
N ASN B 58 -12.32 -9.80 -16.05
CA ASN B 58 -13.01 -10.24 -14.83
C ASN B 58 -14.03 -9.22 -14.37
N PHE B 59 -15.12 -9.72 -13.78
CA PHE B 59 -16.06 -8.86 -13.07
C PHE B 59 -15.67 -8.96 -11.59
N ALA B 60 -15.16 -7.87 -11.01
CA ALA B 60 -14.65 -7.88 -9.66
C ALA B 60 -15.17 -6.69 -8.93
N VAL B 61 -15.69 -6.91 -7.71
CA VAL B 61 -16.28 -5.83 -6.93
C VAL B 61 -15.73 -5.77 -5.50
N GLY B 62 -15.64 -4.57 -4.94
CA GLY B 62 -15.30 -4.42 -3.54
C GLY B 62 -16.29 -5.20 -2.70
N ALA B 63 -15.79 -6.02 -1.78
CA ALA B 63 -16.63 -6.90 -0.95
C ALA B 63 -16.25 -6.83 0.52
N ALA B 64 -15.51 -5.79 0.89
CA ALA B 64 -15.04 -5.56 2.24
C ALA B 64 -14.77 -4.06 2.38
N PRO B 65 -14.86 -3.51 3.61
CA PRO B 65 -14.63 -2.06 3.76
C PRO B 65 -13.26 -1.62 3.25
N HIS B 66 -13.21 -0.42 2.66
CA HIS B 66 -11.98 0.19 2.14
C HIS B 66 -12.17 1.70 2.32
N PRO B 67 -11.10 2.45 2.68
CA PRO B 67 -11.27 3.90 2.88
C PRO B 67 -11.91 4.68 1.72
N PHE B 68 -11.74 4.18 0.48
CA PHE B 68 -12.26 4.87 -0.71
C PHE B 68 -13.61 4.35 -1.20
N LEU B 69 -14.24 3.42 -0.46
CA LEU B 69 -15.54 2.86 -0.85
C LEU B 69 -16.60 3.29 0.15
N HIS B 70 -17.77 3.75 -0.32
CA HIS B 70 -18.88 4.07 0.59
C HIS B 70 -19.92 2.96 0.57
N ARG B 71 -19.69 1.96 -0.31
CA ARG B 71 -20.53 0.77 -0.37
C ARG B 71 -19.74 -0.36 -0.98
N TYR B 72 -20.19 -1.61 -0.71
CA TYR B 72 -19.51 -2.80 -1.21
C TYR B 72 -20.48 -3.95 -1.24
N TYR B 73 -20.12 -5.00 -1.97
CA TYR B 73 -20.97 -6.18 -2.11
C TYR B 73 -20.91 -6.97 -0.81
N GLN B 74 -22.10 -7.24 -0.25
CA GLN B 74 -22.26 -7.99 1.01
C GLN B 74 -22.90 -9.33 0.66
N ARG B 75 -22.03 -10.34 0.47
CA ARG B 75 -22.44 -11.69 0.05
C ARG B 75 -23.42 -12.33 1.01
N GLN B 76 -23.24 -12.09 2.33
CA GLN B 76 -24.11 -12.69 3.34
C GLN B 76 -25.55 -12.18 3.25
N LEU B 77 -25.76 -11.04 2.57
CA LEU B 77 -27.10 -10.47 2.41
C LEU B 77 -27.77 -10.85 1.10
N SER B 78 -27.09 -11.67 0.26
CA SER B 78 -27.63 -12.11 -1.01
C SER B 78 -28.07 -13.57 -0.91
N SER B 79 -29.36 -13.85 -1.12
CA SER B 79 -29.88 -15.20 -1.07
C SER B 79 -29.43 -16.06 -2.24
N THR B 80 -29.02 -15.38 -3.35
CA THR B 80 -28.62 -16.06 -4.57
C THR B 80 -27.09 -16.16 -4.72
N TYR B 81 -26.36 -15.74 -3.69
CA TYR B 81 -24.90 -15.90 -3.70
C TYR B 81 -24.54 -17.38 -3.69
N ARG B 82 -23.55 -17.75 -4.51
CA ARG B 82 -23.00 -19.11 -4.55
C ARG B 82 -21.48 -18.99 -4.42
N ASP B 83 -20.90 -19.65 -3.42
CA ASP B 83 -19.48 -19.62 -3.14
C ASP B 83 -18.78 -20.65 -4.00
N LEU B 84 -17.77 -20.21 -4.80
CA LEU B 84 -17.02 -21.13 -5.64
C LEU B 84 -15.84 -21.74 -4.87
N ARG B 85 -15.63 -21.33 -3.59
CA ARG B 85 -14.59 -21.87 -2.70
C ARG B 85 -13.22 -21.78 -3.36
N LYS B 86 -12.91 -20.63 -3.96
CA LYS B 86 -11.66 -20.47 -4.70
C LYS B 86 -11.23 -19.01 -4.65
N GLY B 87 -9.95 -18.81 -4.37
CA GLY B 87 -9.38 -17.49 -4.33
C GLY B 87 -8.85 -17.06 -5.70
N VAL B 88 -8.58 -15.78 -5.83
CA VAL B 88 -8.00 -15.21 -7.03
C VAL B 88 -7.14 -14.04 -6.63
N TYR B 89 -5.88 -14.05 -7.06
CA TYR B 89 -4.91 -13.02 -6.76
C TYR B 89 -4.43 -12.42 -8.08
N VAL B 90 -4.62 -11.08 -8.21
CA VAL B 90 -4.31 -10.38 -9.45
C VAL B 90 -3.31 -9.23 -9.27
N PRO B 91 -2.01 -9.53 -9.23
CA PRO B 91 -1.01 -8.43 -9.19
C PRO B 91 -0.78 -7.94 -10.64
N TYR B 92 -0.73 -6.62 -10.84
CA TYR B 92 -0.48 -6.08 -12.19
C TYR B 92 0.53 -4.94 -12.03
N THR B 93 0.96 -4.31 -13.13
CA THR B 93 2.01 -3.29 -13.02
C THR B 93 1.68 -2.18 -12.02
N GLN B 94 0.55 -1.50 -12.18
CA GLN B 94 0.27 -0.35 -11.31
C GLN B 94 -0.45 -0.66 -9.99
N GLY B 95 -0.78 -1.92 -9.73
CA GLY B 95 -1.55 -2.24 -8.53
C GLY B 95 -1.84 -3.71 -8.36
N LYS B 96 -2.74 -4.05 -7.41
CA LYS B 96 -3.09 -5.46 -7.13
C LYS B 96 -4.49 -5.52 -6.56
N TRP B 97 -5.11 -6.69 -6.74
CA TRP B 97 -6.33 -6.99 -6.00
C TRP B 97 -6.38 -8.46 -5.72
N GLU B 98 -7.02 -8.81 -4.60
CA GLU B 98 -7.17 -10.21 -4.23
C GLU B 98 -8.62 -10.44 -3.82
N GLY B 99 -9.17 -11.57 -4.24
CA GLY B 99 -10.57 -11.83 -3.91
C GLY B 99 -10.96 -13.28 -3.83
N GLU B 100 -12.26 -13.47 -3.61
CA GLU B 100 -12.90 -14.75 -3.45
C GLU B 100 -13.93 -14.90 -4.54
N LEU B 101 -13.85 -16.00 -5.27
CA LEU B 101 -14.77 -16.24 -6.37
C LEU B 101 -16.10 -16.78 -5.95
N GLY B 102 -17.12 -16.35 -6.66
CA GLY B 102 -18.47 -16.84 -6.48
C GLY B 102 -19.32 -16.45 -7.66
N THR B 103 -20.62 -16.81 -7.64
CA THR B 103 -21.55 -16.38 -8.68
C THR B 103 -22.75 -15.72 -7.99
N ASP B 104 -23.46 -14.88 -8.74
CA ASP B 104 -24.68 -14.27 -8.24
C ASP B 104 -25.47 -13.74 -9.44
N LEU B 105 -26.69 -13.25 -9.18
CA LEU B 105 -27.53 -12.68 -10.21
C LEU B 105 -27.14 -11.23 -10.38
N VAL B 106 -26.94 -10.84 -11.66
CA VAL B 106 -26.42 -9.51 -12.00
C VAL B 106 -27.29 -8.87 -13.06
N SER B 107 -27.57 -7.57 -12.89
CA SER B 107 -28.36 -6.80 -13.85
C SER B 107 -27.66 -5.47 -14.13
N ILE B 108 -28.06 -4.82 -15.24
CA ILE B 108 -27.58 -3.49 -15.63
C ILE B 108 -28.87 -2.64 -15.74
N PRO B 109 -29.20 -1.85 -14.70
CA PRO B 109 -30.49 -1.10 -14.73
C PRO B 109 -30.73 -0.30 -16.01
N HIS B 110 -29.66 0.36 -16.52
CA HIS B 110 -29.78 1.11 -17.77
C HIS B 110 -29.10 0.31 -18.88
N GLY B 111 -29.45 -0.96 -18.97
CA GLY B 111 -28.90 -1.89 -19.96
C GLY B 111 -30.02 -2.74 -20.52
N PRO B 112 -29.75 -3.95 -21.02
CA PRO B 112 -30.84 -4.81 -21.51
C PRO B 112 -31.71 -5.26 -20.34
N ASN B 113 -33.00 -5.50 -20.58
CA ASN B 113 -33.93 -5.90 -19.53
C ASN B 113 -33.74 -7.40 -19.25
N VAL B 114 -32.57 -7.77 -18.72
CA VAL B 114 -32.23 -9.16 -18.44
C VAL B 114 -31.47 -9.27 -17.12
N THR B 115 -31.45 -10.48 -16.53
CA THR B 115 -30.68 -10.74 -15.31
C THR B 115 -29.89 -11.99 -15.62
N VAL B 116 -28.57 -11.97 -15.35
CA VAL B 116 -27.63 -13.03 -15.69
C VAL B 116 -27.09 -13.64 -14.41
N ARG B 117 -26.79 -14.95 -14.46
CA ARG B 117 -26.04 -15.58 -13.40
C ARG B 117 -24.56 -15.46 -13.88
N ALA B 118 -23.77 -14.67 -13.15
CA ALA B 118 -22.38 -14.41 -13.56
C ALA B 118 -21.38 -14.59 -12.46
N ASN B 119 -20.11 -14.83 -12.87
CA ASN B 119 -19.00 -14.93 -11.94
C ASN B 119 -18.72 -13.55 -11.33
N ILE B 120 -18.40 -13.51 -10.05
CA ILE B 120 -18.05 -12.28 -9.35
C ILE B 120 -16.86 -12.57 -8.47
N ALA B 121 -15.80 -11.78 -8.63
CA ALA B 121 -14.65 -11.84 -7.77
C ALA B 121 -14.89 -10.82 -6.67
N ALA B 122 -15.08 -11.31 -5.45
CA ALA B 122 -15.36 -10.46 -4.29
C ALA B 122 -14.03 -9.98 -3.71
N ILE B 123 -13.67 -8.71 -3.96
CA ILE B 123 -12.37 -8.18 -3.55
C ILE B 123 -12.28 -7.96 -2.05
N THR B 124 -11.28 -8.62 -1.40
CA THR B 124 -11.07 -8.50 0.04
C THR B 124 -9.83 -7.68 0.42
N GLU B 125 -8.86 -7.61 -0.51
CA GLU B 125 -7.59 -6.90 -0.32
C GLU B 125 -7.21 -6.24 -1.64
N SER B 126 -6.63 -5.03 -1.58
CA SER B 126 -6.22 -4.37 -2.82
C SER B 126 -5.12 -3.33 -2.59
N ASP B 127 -4.39 -2.99 -3.67
CA ASP B 127 -3.27 -2.06 -3.59
C ASP B 127 -3.38 -1.16 -4.81
N LYS B 128 -3.70 0.14 -4.60
CA LYS B 128 -3.80 1.15 -5.66
C LYS B 128 -4.80 0.76 -6.75
N PHE B 129 -5.86 0.04 -6.36
CA PHE B 129 -6.89 -0.39 -7.30
C PHE B 129 -8.03 0.60 -7.26
N PHE B 130 -8.65 0.78 -6.09
CA PHE B 130 -9.70 1.77 -5.96
C PHE B 130 -9.08 3.17 -6.08
N ILE B 131 -9.86 4.13 -6.62
CA ILE B 131 -9.43 5.53 -6.80
C ILE B 131 -10.28 6.39 -5.88
N ASN B 132 -9.62 7.18 -5.04
CA ASN B 132 -10.31 8.10 -4.14
C ASN B 132 -11.14 9.14 -4.95
N GLY B 133 -12.45 9.13 -4.72
CA GLY B 133 -13.42 10.02 -5.37
C GLY B 133 -13.87 9.63 -6.77
N SER B 134 -13.52 8.40 -7.25
CA SER B 134 -13.92 7.93 -8.61
C SER B 134 -15.40 7.59 -8.73
N ASN B 135 -16.04 7.29 -7.60
CA ASN B 135 -17.44 6.90 -7.47
C ASN B 135 -17.73 5.47 -7.97
N TRP B 136 -16.70 4.65 -8.27
CA TRP B 136 -16.95 3.26 -8.66
C TRP B 136 -16.41 2.28 -7.60
N GLU B 137 -17.08 1.16 -7.50
CA GLU B 137 -16.82 0.14 -6.47
C GLU B 137 -16.39 -1.21 -7.03
N GLY B 138 -16.25 -1.29 -8.33
CA GLY B 138 -15.84 -2.53 -8.97
C GLY B 138 -15.48 -2.28 -10.42
N ILE B 139 -15.11 -3.37 -11.11
CA ILE B 139 -14.66 -3.31 -12.49
C ILE B 139 -15.35 -4.37 -13.33
N LEU B 140 -15.79 -3.98 -14.54
CA LEU B 140 -16.39 -4.89 -15.51
C LEU B 140 -15.39 -5.11 -16.65
N GLY B 141 -14.68 -6.23 -16.59
CA GLY B 141 -13.74 -6.58 -17.63
C GLY B 141 -14.48 -7.13 -18.84
N LEU B 142 -14.40 -6.40 -19.96
CA LEU B 142 -15.13 -6.75 -21.17
C LEU B 142 -14.33 -7.48 -22.22
N ALA B 143 -13.04 -7.74 -21.95
CA ALA B 143 -12.21 -8.46 -22.92
C ALA B 143 -12.47 -9.98 -22.85
N TYR B 144 -11.67 -10.77 -23.55
CA TYR B 144 -11.95 -12.20 -23.72
C TYR B 144 -11.43 -13.11 -22.62
N ALA B 145 -11.99 -14.34 -22.58
CA ALA B 145 -11.66 -15.31 -21.54
C ALA B 145 -10.18 -15.67 -21.44
N GLU B 146 -9.43 -15.57 -22.57
CA GLU B 146 -8.00 -15.90 -22.54
C GLU B 146 -7.23 -15.21 -21.41
N ILE B 147 -7.59 -13.95 -21.10
CA ILE B 147 -6.87 -13.19 -20.09
C ILE B 147 -7.62 -13.07 -18.73
N ALA B 148 -8.72 -13.86 -18.57
CA ALA B 148 -9.44 -13.92 -17.28
C ALA B 148 -8.60 -14.58 -16.23
N ARG B 149 -8.79 -14.17 -14.97
CA ARG B 149 -8.05 -14.76 -13.86
C ARG B 149 -9.00 -15.60 -13.04
N PRO B 150 -8.58 -16.74 -12.48
CA PRO B 150 -7.19 -17.30 -12.48
C PRO B 150 -6.79 -17.88 -13.82
N ASP B 151 -7.77 -18.26 -14.63
CA ASP B 151 -7.55 -18.83 -15.96
C ASP B 151 -8.75 -18.67 -16.87
N ASP B 152 -8.63 -19.11 -18.13
CA ASP B 152 -9.68 -18.94 -19.11
C ASP B 152 -10.97 -19.77 -18.85
N SER B 153 -11.03 -20.57 -17.75
CA SER B 153 -12.26 -21.30 -17.47
C SER B 153 -13.29 -20.42 -16.72
N LEU B 154 -12.85 -19.24 -16.23
CA LEU B 154 -13.73 -18.33 -15.49
C LEU B 154 -14.40 -17.45 -16.51
N GLU B 155 -15.62 -17.81 -16.87
CA GLU B 155 -16.37 -17.15 -17.92
C GLU B 155 -16.55 -15.65 -17.65
N PRO B 156 -16.11 -14.76 -18.59
CA PRO B 156 -16.33 -13.32 -18.37
C PRO B 156 -17.81 -12.96 -18.41
N PHE B 157 -18.15 -11.80 -17.83
CA PHE B 157 -19.52 -11.34 -17.78
C PHE B 157 -20.20 -11.29 -19.13
N PHE B 158 -19.57 -10.65 -20.14
CA PHE B 158 -20.23 -10.50 -21.43
C PHE B 158 -20.51 -11.82 -22.11
N ASP B 159 -19.60 -12.82 -21.92
CA ASP B 159 -19.80 -14.16 -22.45
C ASP B 159 -21.06 -14.80 -21.80
N SER B 160 -21.23 -14.62 -20.47
CA SER B 160 -22.42 -15.12 -19.76
C SER B 160 -23.67 -14.43 -20.26
N LEU B 161 -23.62 -13.09 -20.40
CA LEU B 161 -24.77 -12.35 -20.88
C LEU B 161 -25.23 -12.87 -22.25
N VAL B 162 -24.29 -13.07 -23.20
CA VAL B 162 -24.65 -13.53 -24.54
C VAL B 162 -25.18 -14.96 -24.48
N LYS B 163 -24.57 -15.82 -23.66
CA LYS B 163 -25.00 -17.23 -23.58
C LYS B 163 -26.38 -17.42 -22.99
N GLN B 164 -26.70 -16.64 -21.97
CA GLN B 164 -27.96 -16.77 -21.23
C GLN B 164 -29.15 -15.99 -21.78
N THR B 165 -28.91 -15.03 -22.68
CA THR B 165 -29.98 -14.16 -23.19
C THR B 165 -29.94 -14.09 -24.71
N HIS B 166 -30.79 -13.26 -25.33
CA HIS B 166 -30.75 -13.08 -26.80
C HIS B 166 -29.97 -11.82 -27.18
N VAL B 167 -29.22 -11.25 -26.22
CA VAL B 167 -28.46 -10.02 -26.48
C VAL B 167 -27.40 -10.32 -27.55
N PRO B 168 -27.39 -9.53 -28.66
CA PRO B 168 -26.37 -9.75 -29.70
C PRO B 168 -24.94 -9.57 -29.14
N ASN B 169 -23.99 -10.33 -29.72
CA ASN B 169 -22.59 -10.36 -29.29
C ASN B 169 -21.83 -9.11 -29.78
N LEU B 170 -22.20 -7.96 -29.24
CA LEU B 170 -21.61 -6.69 -29.63
C LEU B 170 -21.94 -5.66 -28.57
N PHE B 171 -21.02 -4.72 -28.33
CA PHE B 171 -21.34 -3.57 -27.51
C PHE B 171 -20.61 -2.38 -28.10
N SER B 172 -21.04 -1.19 -27.75
CA SER B 172 -20.40 -0.02 -28.30
C SER B 172 -20.26 1.02 -27.22
N LEU B 173 -19.17 1.81 -27.29
CA LEU B 173 -18.90 2.81 -26.28
C LEU B 173 -18.70 4.20 -26.84
N GLN B 174 -19.39 5.17 -26.24
CA GLN B 174 -19.21 6.59 -26.54
C GLN B 174 -18.75 7.20 -25.21
N LEU B 175 -17.43 7.46 -25.06
CA LEU B 175 -16.90 8.07 -23.83
C LEU B 175 -16.82 9.56 -24.10
N CYS B 176 -17.44 10.37 -23.24
CA CYS B 176 -17.53 11.81 -23.48
C CYS B 176 -16.69 12.61 -22.52
N GLY B 177 -15.55 13.13 -23.03
CA GLY B 177 -14.72 14.03 -22.24
C GLY B 177 -15.42 15.38 -22.21
N ALA B 178 -15.45 16.07 -21.03
CA ALA B 178 -16.16 17.36 -20.97
C ALA B 178 -15.40 18.48 -21.68
N GLY B 179 -14.06 18.36 -21.77
CA GLY B 179 -13.25 19.41 -22.37
C GLY B 179 -12.80 20.44 -21.35
N PHE B 180 -13.21 20.26 -20.08
CA PHE B 180 -12.85 21.15 -18.99
C PHE B 180 -12.96 20.32 -17.70
N PRO B 181 -12.35 20.76 -16.58
CA PRO B 181 -12.44 19.93 -15.37
C PRO B 181 -13.85 19.97 -14.81
N LEU B 182 -14.26 18.84 -14.22
CA LEU B 182 -15.56 18.73 -13.56
C LEU B 182 -15.24 18.57 -12.09
N ASN B 183 -15.89 19.36 -11.21
CA ASN B 183 -15.64 19.22 -9.77
C ASN B 183 -16.38 17.98 -9.24
N GLN B 184 -16.23 17.65 -7.94
CA GLN B 184 -16.86 16.49 -7.30
C GLN B 184 -18.38 16.42 -7.56
N SER B 185 -19.10 17.55 -7.39
CA SER B 185 -20.55 17.55 -7.62
C SER B 185 -20.91 17.46 -9.10
N GLU B 186 -20.17 18.17 -9.96
CA GLU B 186 -20.41 18.18 -11.40
C GLU B 186 -20.19 16.79 -12.03
N VAL B 187 -19.13 16.08 -11.63
CA VAL B 187 -18.84 14.77 -12.20
C VAL B 187 -19.93 13.75 -11.79
N LEU B 188 -20.61 13.95 -10.63
CA LEU B 188 -21.69 13.05 -10.24
C LEU B 188 -22.97 13.38 -10.98
N ALA B 189 -23.15 14.67 -11.36
CA ALA B 189 -24.37 15.13 -12.02
C ALA B 189 -24.31 15.09 -13.54
N SER B 190 -23.10 14.95 -14.09
CA SER B 190 -22.83 14.98 -15.50
C SER B 190 -22.96 13.63 -16.21
N VAL B 191 -23.37 13.66 -17.49
CA VAL B 191 -23.43 12.47 -18.35
C VAL B 191 -22.04 12.26 -18.96
N GLY B 192 -21.47 11.09 -18.72
CA GLY B 192 -20.14 10.81 -19.23
C GLY B 192 -20.09 10.02 -20.52
N GLY B 193 -21.25 9.63 -21.02
CA GLY B 193 -21.30 8.84 -22.24
C GLY B 193 -22.29 7.71 -22.24
N SER B 194 -22.11 6.77 -23.17
CA SER B 194 -23.05 5.66 -23.35
C SER B 194 -22.35 4.37 -23.60
N MET B 195 -22.87 3.29 -22.99
CA MET B 195 -22.49 1.93 -23.30
C MET B 195 -23.75 1.28 -23.86
N ILE B 196 -23.77 1.03 -25.16
CA ILE B 196 -24.89 0.35 -25.82
C ILE B 196 -24.57 -1.12 -25.87
N ILE B 197 -25.31 -1.90 -25.07
CA ILE B 197 -25.12 -3.34 -24.98
C ILE B 197 -26.01 -4.02 -26.01
N GLY B 198 -25.40 -4.74 -26.94
CA GLY B 198 -26.08 -5.47 -28.00
C GLY B 198 -26.41 -4.69 -29.25
N GLY B 199 -25.85 -3.48 -29.43
CA GLY B 199 -26.18 -2.70 -30.60
C GLY B 199 -25.37 -1.44 -30.81
N ILE B 200 -25.75 -0.72 -31.87
CA ILE B 200 -25.14 0.51 -32.34
C ILE B 200 -26.24 1.57 -32.36
N ASP B 201 -26.03 2.68 -31.66
CA ASP B 201 -27.00 3.76 -31.65
C ASP B 201 -26.47 4.84 -32.59
N HIS B 202 -27.19 5.09 -33.69
CA HIS B 202 -26.78 6.05 -34.72
C HIS B 202 -26.73 7.52 -34.26
N SER B 203 -27.37 7.87 -33.12
CA SER B 203 -27.32 9.26 -32.64
C SER B 203 -25.94 9.62 -32.04
N LEU B 204 -25.12 8.60 -31.76
CA LEU B 204 -23.87 8.82 -31.04
C LEU B 204 -22.67 9.15 -31.90
N TYR B 205 -22.84 9.13 -33.22
CA TYR B 205 -21.74 9.42 -34.12
C TYR B 205 -22.18 10.17 -35.34
N THR B 206 -21.21 10.71 -36.06
CA THR B 206 -21.43 11.37 -37.35
C THR B 206 -20.57 10.67 -38.38
N GLY B 207 -20.96 10.79 -39.65
CA GLY B 207 -20.22 10.17 -40.72
C GLY B 207 -20.30 8.66 -40.71
N SER B 208 -19.33 8.00 -41.31
CA SER B 208 -19.32 6.56 -41.45
C SER B 208 -18.52 5.84 -40.39
N LEU B 209 -18.89 4.57 -40.13
CA LEU B 209 -18.13 3.68 -39.27
C LEU B 209 -17.13 2.95 -40.17
N TRP B 210 -15.88 2.86 -39.72
CA TRP B 210 -14.82 2.15 -40.40
C TRP B 210 -14.34 1.07 -39.45
N TYR B 211 -14.17 -0.13 -39.97
CA TYR B 211 -13.79 -1.25 -39.13
C TYR B 211 -12.39 -1.76 -39.34
N THR B 212 -11.75 -2.12 -38.23
CA THR B 212 -10.43 -2.74 -38.22
C THR B 212 -10.57 -4.16 -37.65
N PRO B 213 -9.87 -5.19 -38.17
CA PRO B 213 -10.06 -6.52 -37.58
C PRO B 213 -9.54 -6.59 -36.15
N ILE B 214 -10.17 -7.47 -35.35
CA ILE B 214 -9.64 -7.83 -34.04
C ILE B 214 -8.61 -8.91 -34.42
N ARG B 215 -7.33 -8.62 -34.22
CA ARG B 215 -6.26 -9.53 -34.64
C ARG B 215 -6.37 -10.89 -33.98
N ARG B 216 -6.64 -10.88 -32.68
CA ARG B 216 -6.76 -12.06 -31.87
C ARG B 216 -7.62 -11.70 -30.68
N GLU B 217 -8.43 -12.68 -30.24
CA GLU B 217 -9.39 -12.47 -29.16
C GLU B 217 -8.78 -12.75 -27.80
N TRP B 218 -8.16 -11.73 -27.18
CA TRP B 218 -7.60 -11.85 -25.84
C TRP B 218 -7.86 -10.47 -25.23
N TYR B 219 -6.97 -9.52 -25.50
CA TYR B 219 -7.28 -8.10 -25.37
C TYR B 219 -8.04 -7.79 -26.68
N TYR B 220 -8.54 -6.54 -26.82
CA TYR B 220 -9.08 -6.11 -28.12
C TYR B 220 -7.89 -5.61 -28.93
N GLU B 221 -7.19 -6.56 -29.55
CA GLU B 221 -5.94 -6.30 -30.29
C GLU B 221 -6.19 -5.86 -31.71
N VAL B 222 -5.48 -4.78 -32.12
CA VAL B 222 -5.60 -4.23 -33.47
C VAL B 222 -4.19 -4.04 -34.06
N ILE B 223 -4.12 -3.65 -35.35
CA ILE B 223 -2.83 -3.37 -35.98
C ILE B 223 -2.84 -1.96 -36.57
N ILE B 224 -1.88 -1.14 -36.09
CA ILE B 224 -1.62 0.24 -36.60
C ILE B 224 -0.58 0.09 -37.72
N VAL B 225 -0.86 0.72 -38.89
CA VAL B 225 0.02 0.56 -40.06
C VAL B 225 0.78 1.83 -40.46
N ARG B 226 0.40 2.99 -39.89
CA ARG B 226 1.06 4.27 -40.19
C ARG B 226 0.68 5.25 -39.08
N VAL B 227 1.58 6.18 -38.77
CA VAL B 227 1.31 7.23 -37.80
C VAL B 227 1.76 8.55 -38.42
N GLU B 228 0.91 9.58 -38.32
CA GLU B 228 1.26 10.92 -38.79
C GLU B 228 1.05 11.93 -37.68
N ILE B 229 1.87 12.98 -37.68
CA ILE B 229 1.74 14.13 -36.80
C ILE B 229 1.55 15.33 -37.73
N ASN B 230 0.34 15.93 -37.77
CA ASN B 230 0.09 17.04 -38.71
C ASN B 230 0.41 16.61 -40.18
N GLY B 231 0.02 15.38 -40.51
CA GLY B 231 0.21 14.88 -41.86
C GLY B 231 1.63 14.42 -42.18
N GLN B 232 2.58 14.62 -41.24
CA GLN B 232 3.96 14.20 -41.49
C GLN B 232 4.11 12.78 -40.96
N ASP B 233 4.52 11.87 -41.85
CA ASP B 233 4.72 10.47 -41.51
C ASP B 233 5.84 10.31 -40.46
N LEU B 234 5.56 9.61 -39.36
CA LEU B 234 6.57 9.36 -38.33
C LEU B 234 7.68 8.47 -38.92
N LYS B 235 7.37 7.75 -40.00
CA LYS B 235 8.27 6.99 -40.85
C LYS B 235 9.05 5.87 -40.13
N MET B 236 8.42 5.24 -39.14
CA MET B 236 9.03 4.10 -38.47
C MET B 236 8.58 2.83 -39.13
N ASP B 237 9.34 1.72 -38.97
CA ASP B 237 8.89 0.42 -39.47
C ASP B 237 7.58 0.16 -38.69
N CYS B 238 6.48 -0.18 -39.39
CA CYS B 238 5.17 -0.31 -38.74
C CYS B 238 5.14 -1.36 -37.62
N LYS B 239 6.11 -2.33 -37.63
CA LYS B 239 6.17 -3.28 -36.51
C LYS B 239 6.39 -2.54 -35.19
N GLU B 240 7.11 -1.40 -35.21
CA GLU B 240 7.38 -0.63 -34.01
C GLU B 240 6.09 -0.13 -33.36
N TYR B 241 5.09 0.20 -34.18
CA TYR B 241 3.82 0.73 -33.66
C TYR B 241 3.03 -0.32 -32.89
N ASN B 242 3.27 -1.60 -33.16
CA ASN B 242 2.54 -2.71 -32.53
C ASN B 242 3.43 -3.60 -31.71
N TYR B 243 4.55 -3.04 -31.22
CA TYR B 243 5.48 -3.84 -30.42
C TYR B 243 5.17 -3.64 -28.92
N ASP B 244 4.70 -4.69 -28.18
CA ASP B 244 4.45 -6.06 -28.62
C ASP B 244 3.00 -6.36 -28.95
N LYS B 245 2.12 -5.35 -28.80
CA LYS B 245 0.73 -5.45 -29.23
C LYS B 245 0.19 -4.03 -29.29
N SER B 246 -0.99 -3.87 -29.89
CA SER B 246 -1.72 -2.62 -29.85
C SER B 246 -3.12 -3.00 -29.39
N ILE B 247 -3.66 -2.32 -28.38
CA ILE B 247 -5.01 -2.68 -27.89
C ILE B 247 -5.87 -1.44 -27.69
N VAL B 248 -7.20 -1.67 -27.63
CA VAL B 248 -8.18 -0.62 -27.34
C VAL B 248 -8.61 -0.83 -25.89
N ASP B 249 -8.33 0.16 -25.00
CA ASP B 249 -8.52 -0.05 -23.57
C ASP B 249 -9.17 1.12 -22.87
N SER B 250 -10.47 0.99 -22.58
CA SER B 250 -11.21 2.06 -21.87
C SER B 250 -10.71 2.29 -20.43
N GLY B 251 -9.98 1.30 -19.87
CA GLY B 251 -9.45 1.38 -18.52
C GLY B 251 -8.13 2.10 -18.38
N THR B 252 -7.51 2.51 -19.51
CA THR B 252 -6.27 3.31 -19.50
C THR B 252 -6.69 4.73 -19.83
N THR B 253 -6.06 5.72 -19.17
CA THR B 253 -6.42 7.11 -19.44
C THR B 253 -5.79 7.58 -20.74
N ASN B 254 -4.49 7.38 -20.87
CA ASN B 254 -3.73 7.96 -21.97
C ASN B 254 -3.71 7.17 -23.26
N LEU B 255 -3.16 7.84 -24.30
CA LEU B 255 -2.66 7.15 -25.47
C LEU B 255 -1.24 6.73 -25.04
N ARG B 256 -0.98 5.43 -24.93
CA ARG B 256 0.35 4.96 -24.52
C ARG B 256 1.03 4.37 -25.74
N LEU B 257 2.32 4.70 -25.92
CA LEU B 257 3.06 4.27 -27.11
C LEU B 257 4.32 3.53 -26.70
N PRO B 258 4.72 2.52 -27.50
CA PRO B 258 5.99 1.83 -27.22
C PRO B 258 7.12 2.85 -27.13
N LYS B 259 8.10 2.60 -26.27
CA LYS B 259 9.21 3.51 -26.01
C LYS B 259 9.77 4.26 -27.26
N LYS B 260 10.21 3.51 -28.29
CA LYS B 260 10.81 4.11 -29.50
C LYS B 260 9.80 5.02 -30.22
N VAL B 261 8.52 4.59 -30.25
CA VAL B 261 7.47 5.36 -30.92
C VAL B 261 7.17 6.61 -30.11
N PHE B 262 7.10 6.48 -28.79
CA PHE B 262 6.86 7.62 -27.92
C PHE B 262 7.94 8.69 -28.13
N GLU B 263 9.22 8.27 -28.08
CA GLU B 263 10.34 9.20 -28.25
C GLU B 263 10.22 9.95 -29.61
N ALA B 264 9.90 9.21 -30.69
CA ALA B 264 9.75 9.84 -32.03
C ALA B 264 8.54 10.77 -32.09
N ALA B 265 7.41 10.35 -31.50
CA ALA B 265 6.21 11.16 -31.51
C ALA B 265 6.37 12.43 -30.71
N VAL B 266 6.97 12.34 -29.48
CA VAL B 266 7.16 13.55 -28.67
C VAL B 266 8.10 14.52 -29.38
N LYS B 267 9.15 14.02 -30.04
CA LYS B 267 10.05 14.92 -30.79
C LYS B 267 9.24 15.66 -31.86
N SER B 268 8.37 14.94 -32.58
CA SER B 268 7.58 15.56 -33.65
C SER B 268 6.53 16.53 -33.09
N ILE B 269 5.88 16.18 -31.95
CA ILE B 269 4.88 17.05 -31.35
C ILE B 269 5.54 18.31 -30.80
N LYS B 270 6.75 18.16 -30.18
CA LYS B 270 7.49 19.34 -29.74
C LYS B 270 7.87 20.25 -30.92
N ALA B 271 8.32 19.65 -32.04
CA ALA B 271 8.70 20.45 -33.21
C ALA B 271 7.48 21.23 -33.78
N ALA B 272 6.31 20.57 -33.81
CA ALA B 272 5.12 21.22 -34.34
C ALA B 272 4.62 22.35 -33.45
N SER B 273 4.81 22.21 -32.13
CA SER B 273 4.35 23.18 -31.15
C SER B 273 5.45 24.14 -30.65
N SER B 274 6.57 24.19 -31.39
CA SER B 274 7.79 24.90 -30.97
C SER B 274 7.63 26.40 -30.74
N THR B 275 6.53 27.03 -31.18
CA THR B 275 6.36 28.46 -30.89
C THR B 275 6.15 28.73 -29.37
N GLU B 276 5.86 27.68 -28.58
CA GLU B 276 5.78 27.79 -27.13
C GLU B 276 6.60 26.66 -26.55
N LYS B 277 7.40 26.96 -25.52
CA LYS B 277 8.24 25.96 -24.88
C LYS B 277 7.65 25.54 -23.57
N PHE B 278 7.64 24.24 -23.36
CA PHE B 278 7.06 23.67 -22.14
C PHE B 278 8.14 22.89 -21.41
N PRO B 279 8.05 22.86 -20.07
CA PRO B 279 9.05 22.14 -19.29
C PRO B 279 9.05 20.64 -19.54
N ASP B 280 10.17 19.99 -19.22
CA ASP B 280 10.30 18.55 -19.38
C ASP B 280 9.20 17.79 -18.66
N GLY B 281 8.80 18.26 -17.47
CA GLY B 281 7.75 17.63 -16.67
C GLY B 281 6.41 17.58 -17.38
N PHE B 282 6.16 18.56 -18.27
CA PHE B 282 4.90 18.57 -19.05
C PHE B 282 4.90 17.37 -20.01
N TRP B 283 6.00 17.20 -20.76
CA TRP B 283 6.12 16.12 -21.76
C TRP B 283 6.19 14.73 -21.14
N LEU B 284 6.50 14.67 -19.83
CA LEU B 284 6.52 13.42 -19.06
C LEU B 284 5.13 13.08 -18.51
N GLY B 285 4.15 13.94 -18.78
CA GLY B 285 2.78 13.73 -18.35
C GLY B 285 2.51 13.96 -16.87
N GLU B 286 3.50 14.52 -16.15
CA GLU B 286 3.43 14.76 -14.71
C GLU B 286 2.96 16.15 -14.32
N GLN B 287 3.42 17.17 -15.06
CA GLN B 287 3.18 18.57 -14.73
C GLN B 287 2.11 19.19 -15.60
N LEU B 288 1.27 20.00 -14.99
CA LEU B 288 0.25 20.69 -15.76
C LEU B 288 0.82 21.93 -16.44
N VAL B 289 0.13 22.36 -17.49
CA VAL B 289 0.40 23.61 -18.20
C VAL B 289 -0.91 24.38 -18.14
N CYS B 290 -0.86 25.69 -17.86
CA CYS B 290 -2.05 26.54 -17.76
C CYS B 290 -1.98 27.71 -18.71
N TRP B 291 -3.16 28.15 -19.16
CA TRP B 291 -3.29 29.38 -19.93
C TRP B 291 -4.43 30.22 -19.34
N GLN B 292 -4.40 31.54 -19.56
CA GLN B 292 -5.49 32.42 -19.14
C GLN B 292 -6.80 31.85 -19.73
N ALA B 293 -7.91 31.95 -18.98
CA ALA B 293 -9.21 31.44 -19.38
C ALA B 293 -9.54 31.73 -20.85
N GLY B 294 -9.85 30.66 -21.58
CA GLY B 294 -10.26 30.73 -22.97
C GLY B 294 -9.14 30.89 -24.00
N THR B 295 -7.87 30.99 -23.55
CA THR B 295 -6.76 31.29 -24.46
C THR B 295 -5.88 30.09 -24.83
N THR B 296 -6.29 28.85 -24.48
CA THR B 296 -5.51 27.67 -24.84
C THR B 296 -5.18 27.76 -26.35
N PRO B 297 -3.89 27.68 -26.72
CA PRO B 297 -3.52 27.84 -28.14
C PRO B 297 -3.59 26.49 -28.87
N TRP B 298 -4.81 25.97 -29.00
CA TRP B 298 -5.00 24.68 -29.66
C TRP B 298 -4.26 24.60 -31.00
N ASN B 299 -4.31 25.71 -31.78
CA ASN B 299 -3.78 25.73 -33.13
C ASN B 299 -2.27 25.46 -33.22
N ILE B 300 -1.51 25.67 -32.11
CA ILE B 300 -0.07 25.41 -32.21
C ILE B 300 0.23 23.93 -32.08
N PHE B 301 -0.73 23.16 -31.52
CA PHE B 301 -0.54 21.73 -31.35
C PHE B 301 -1.03 20.95 -32.57
N PRO B 302 -0.32 19.88 -32.93
CA PRO B 302 -0.68 19.15 -34.15
C PRO B 302 -1.81 18.14 -33.93
N VAL B 303 -2.42 17.72 -35.04
CA VAL B 303 -3.34 16.59 -34.98
C VAL B 303 -2.48 15.32 -35.10
N ILE B 304 -3.03 14.19 -34.64
CA ILE B 304 -2.33 12.90 -34.71
C ILE B 304 -3.24 11.92 -35.38
N SER B 305 -2.73 11.26 -36.44
CA SER B 305 -3.51 10.26 -37.14
C SER B 305 -2.88 8.89 -36.97
N LEU B 306 -3.73 7.92 -36.62
CA LEU B 306 -3.31 6.51 -36.57
C LEU B 306 -4.07 5.81 -37.71
N TYR B 307 -3.32 5.13 -38.58
CA TYR B 307 -3.92 4.36 -39.67
C TYR B 307 -4.03 2.93 -39.18
N LEU B 308 -5.22 2.35 -39.36
CA LEU B 308 -5.53 1.01 -38.90
C LEU B 308 -5.78 0.11 -40.09
N MET B 309 -5.42 -1.18 -39.95
CA MET B 309 -5.70 -2.16 -41.00
C MET B 309 -7.22 -2.19 -41.26
N GLY B 310 -7.61 -2.24 -42.52
CA GLY B 310 -9.02 -2.28 -42.89
C GLY B 310 -9.52 -3.71 -43.04
N GLU B 311 -10.81 -3.86 -43.38
CA GLU B 311 -11.41 -5.20 -43.53
C GLU B 311 -11.13 -5.77 -44.92
N VAL B 312 -10.87 -4.89 -45.89
CA VAL B 312 -10.60 -5.24 -47.29
C VAL B 312 -9.08 -5.43 -47.44
N THR B 313 -8.63 -6.43 -48.22
CA THR B 313 -7.20 -6.69 -48.44
C THR B 313 -6.53 -5.42 -49.00
N ASN B 314 -5.34 -5.10 -48.48
CA ASN B 314 -4.52 -3.95 -48.88
C ASN B 314 -5.20 -2.58 -48.69
N GLN B 315 -6.14 -2.52 -47.76
CA GLN B 315 -6.88 -1.28 -47.47
C GLN B 315 -6.70 -0.90 -46.01
N SER B 316 -6.49 0.38 -45.75
CA SER B 316 -6.45 0.89 -44.37
C SER B 316 -7.37 2.10 -44.27
N PHE B 317 -7.59 2.60 -43.05
CA PHE B 317 -8.31 3.85 -42.86
C PHE B 317 -7.55 4.58 -41.74
N ARG B 318 -7.88 5.86 -41.50
CA ARG B 318 -7.20 6.57 -40.42
C ARG B 318 -8.21 7.20 -39.47
N ILE B 319 -7.79 7.30 -38.21
CA ILE B 319 -8.52 8.04 -37.18
C ILE B 319 -7.62 9.20 -36.78
N THR B 320 -8.18 10.40 -36.68
CA THR B 320 -7.40 11.59 -36.37
C THR B 320 -7.93 12.26 -35.14
N ILE B 321 -7.02 12.52 -34.18
CA ILE B 321 -7.40 13.19 -32.95
C ILE B 321 -6.74 14.55 -32.88
N LEU B 322 -7.32 15.39 -32.04
CA LEU B 322 -6.87 16.76 -31.85
C LEU B 322 -6.17 16.90 -30.52
N PRO B 323 -5.48 18.03 -30.28
CA PRO B 323 -4.96 18.30 -28.93
C PRO B 323 -6.11 18.34 -27.89
N GLN B 324 -7.37 18.63 -28.31
CA GLN B 324 -8.48 18.61 -27.36
C GLN B 324 -8.71 17.18 -26.82
N GLN B 325 -8.20 16.14 -27.52
CA GLN B 325 -8.22 14.79 -26.96
C GLN B 325 -6.96 14.48 -26.18
N TYR B 326 -5.74 14.84 -26.69
CA TYR B 326 -4.55 14.39 -26.00
C TYR B 326 -4.02 15.35 -24.94
N LEU B 327 -4.67 16.51 -24.73
CA LEU B 327 -4.38 17.40 -23.59
C LEU B 327 -5.57 17.21 -22.65
N ARG B 328 -5.32 16.60 -21.48
CA ARG B 328 -6.40 16.24 -20.53
C ARG B 328 -6.67 17.39 -19.56
N PRO B 329 -7.89 17.92 -19.52
CA PRO B 329 -8.17 19.05 -18.60
C PRO B 329 -8.02 18.64 -17.14
N VAL B 330 -7.36 19.50 -16.38
CA VAL B 330 -7.14 19.28 -14.93
C VAL B 330 -7.33 20.61 -14.23
N GLU B 331 -7.68 20.55 -12.94
CA GLU B 331 -7.79 21.78 -12.17
C GLU B 331 -6.40 22.20 -11.70
N ASP B 332 -6.18 23.52 -11.63
CA ASP B 332 -4.93 24.17 -11.22
C ASP B 332 -4.52 23.77 -9.80
N SER B 336 -7.93 28.83 -9.51
CA SER B 336 -7.79 29.89 -10.50
C SER B 336 -8.84 29.74 -11.60
N GLN B 337 -8.89 30.72 -12.50
CA GLN B 337 -9.78 30.68 -13.65
C GLN B 337 -9.01 30.25 -14.90
N ASP B 338 -7.74 29.87 -14.75
CA ASP B 338 -6.97 29.40 -15.90
C ASP B 338 -7.51 28.07 -16.42
N ASP B 339 -7.24 27.79 -17.70
CA ASP B 339 -7.54 26.50 -18.32
C ASP B 339 -6.24 25.72 -18.32
N CYS B 340 -6.21 24.59 -17.61
CA CYS B 340 -5.02 23.77 -17.39
C CYS B 340 -5.18 22.37 -17.89
N TYR B 341 -4.05 21.78 -18.30
CA TYR B 341 -4.06 20.43 -18.87
C TYR B 341 -2.81 19.65 -18.55
N LYS B 342 -2.91 18.32 -18.64
CA LYS B 342 -1.76 17.44 -18.59
C LYS B 342 -1.62 16.80 -19.98
N PHE B 343 -0.39 16.50 -20.38
CA PHE B 343 -0.13 15.82 -21.65
C PHE B 343 -0.48 14.34 -21.42
N ALA B 344 -1.43 13.83 -22.20
CA ALA B 344 -1.99 12.49 -22.02
C ALA B 344 -1.52 11.49 -23.04
N ILE B 345 -0.24 11.62 -23.43
CA ILE B 345 0.46 10.65 -24.27
C ILE B 345 1.65 10.24 -23.42
N SER B 346 1.84 8.92 -23.24
CA SER B 346 2.93 8.44 -22.40
C SER B 346 3.54 7.18 -22.92
N GLN B 347 4.71 6.81 -22.38
CA GLN B 347 5.48 5.67 -22.84
C GLN B 347 4.92 4.36 -22.28
N SER B 348 5.13 3.29 -23.02
CA SER B 348 4.74 1.94 -22.61
C SER B 348 5.85 0.95 -22.95
N SER B 349 5.96 -0.10 -22.13
CA SER B 349 6.86 -1.22 -22.41
C SER B 349 6.02 -2.46 -22.76
N THR B 350 4.67 -2.29 -22.85
CA THR B 350 3.71 -3.36 -23.16
C THR B 350 2.86 -3.11 -24.40
N GLY B 351 3.38 -2.29 -25.33
CA GLY B 351 2.70 -2.02 -26.60
C GLY B 351 1.86 -0.75 -26.60
N THR B 352 1.20 -0.49 -27.71
CA THR B 352 0.35 0.70 -27.82
C THR B 352 -0.95 0.45 -27.05
N VAL B 353 -1.42 1.47 -26.35
CA VAL B 353 -2.71 1.38 -25.69
C VAL B 353 -3.51 2.61 -26.13
N MET B 354 -4.61 2.32 -26.84
CA MET B 354 -5.54 3.37 -27.25
C MET B 354 -6.52 3.53 -26.06
N GLY B 355 -6.17 4.42 -25.13
CA GLY B 355 -6.91 4.64 -23.91
C GLY B 355 -8.06 5.60 -24.09
N ALA B 356 -8.58 6.04 -22.95
CA ALA B 356 -9.77 6.86 -22.90
C ALA B 356 -9.64 8.15 -23.62
N VAL B 357 -8.46 8.82 -23.60
CA VAL B 357 -8.37 10.11 -24.29
C VAL B 357 -8.48 9.93 -25.83
N ILE B 358 -8.08 8.74 -26.41
CA ILE B 358 -8.30 8.36 -27.82
C ILE B 358 -9.83 8.04 -28.01
N MET B 359 -10.34 7.18 -27.13
CA MET B 359 -11.76 6.78 -27.26
C MET B 359 -12.72 7.97 -27.16
N GLU B 360 -12.32 9.03 -26.45
CA GLU B 360 -13.19 10.21 -26.32
C GLU B 360 -13.42 10.91 -27.68
N GLY B 361 -12.57 10.66 -28.67
CA GLY B 361 -12.78 11.26 -29.98
C GLY B 361 -13.78 10.50 -30.84
N PHE B 362 -14.06 9.22 -30.48
CA PHE B 362 -14.79 8.32 -31.35
C PHE B 362 -15.87 7.53 -30.68
N TYR B 363 -16.84 7.11 -31.49
CA TYR B 363 -17.81 6.11 -31.06
C TYR B 363 -17.12 4.80 -31.48
N VAL B 364 -16.94 3.89 -30.52
CA VAL B 364 -16.17 2.66 -30.78
C VAL B 364 -17.07 1.44 -30.64
N VAL B 365 -17.16 0.66 -31.71
CA VAL B 365 -18.04 -0.51 -31.75
C VAL B 365 -17.22 -1.77 -31.59
N PHE B 366 -17.46 -2.52 -30.49
CA PHE B 366 -16.73 -3.76 -30.22
C PHE B 366 -17.59 -4.87 -30.78
N ASP B 367 -17.41 -5.10 -32.09
CA ASP B 367 -18.22 -6.08 -32.81
C ASP B 367 -17.60 -7.46 -32.66
N ARG B 368 -17.86 -8.09 -31.51
CA ARG B 368 -17.30 -9.40 -31.19
C ARG B 368 -17.80 -10.46 -32.18
N ALA B 369 -19.08 -10.36 -32.56
CA ALA B 369 -19.71 -11.31 -33.50
C ALA B 369 -18.98 -11.39 -34.83
N ARG B 370 -18.50 -10.24 -35.35
CA ARG B 370 -17.79 -10.17 -36.62
C ARG B 370 -16.27 -9.93 -36.44
N LYS B 371 -15.74 -10.08 -35.20
CA LYS B 371 -14.31 -10.01 -34.90
C LYS B 371 -13.72 -8.70 -35.47
N ARG B 372 -14.37 -7.57 -35.16
CA ARG B 372 -13.88 -6.30 -35.70
C ARG B 372 -14.22 -5.17 -34.75
N ILE B 373 -13.46 -4.06 -34.85
CA ILE B 373 -13.73 -2.88 -34.02
C ILE B 373 -14.03 -1.73 -34.98
N GLY B 374 -15.15 -1.04 -34.76
CA GLY B 374 -15.53 0.09 -35.59
C GLY B 374 -15.26 1.42 -34.93
N PHE B 375 -14.89 2.42 -35.75
CA PHE B 375 -14.65 3.76 -35.28
C PHE B 375 -15.44 4.73 -36.13
N ALA B 376 -16.08 5.68 -35.49
CA ALA B 376 -16.72 6.81 -36.14
C ALA B 376 -16.46 8.06 -35.30
N VAL B 377 -16.53 9.24 -35.93
CA VAL B 377 -16.38 10.47 -35.17
C VAL B 377 -17.47 10.55 -34.11
N SER B 378 -17.08 10.79 -32.85
CA SER B 378 -18.09 10.86 -31.80
C SER B 378 -18.88 12.16 -31.87
N ALA B 379 -20.20 12.04 -31.62
CA ALA B 379 -21.07 13.21 -31.53
C ALA B 379 -20.73 14.07 -30.29
N CYS B 380 -19.93 13.53 -29.33
CA CYS B 380 -19.56 14.30 -28.15
C CYS B 380 -18.04 14.63 -28.09
N HIS B 381 -17.29 14.50 -29.20
CA HIS B 381 -15.88 14.85 -29.11
C HIS B 381 -15.70 16.37 -28.99
N VAL B 382 -14.68 16.74 -28.24
CA VAL B 382 -14.35 18.15 -28.03
C VAL B 382 -13.50 18.64 -29.21
N HIS B 383 -13.86 19.82 -29.74
CA HIS B 383 -13.10 20.36 -30.86
C HIS B 383 -13.23 21.88 -30.84
N ASP B 384 -12.73 22.53 -31.88
CA ASP B 384 -12.85 23.98 -32.00
C ASP B 384 -13.51 24.28 -33.36
N GLU B 385 -13.60 25.57 -33.74
CA GLU B 385 -14.26 25.91 -35.00
C GLU B 385 -13.41 25.60 -36.23
N PHE B 386 -12.11 25.31 -36.02
CA PHE B 386 -11.23 25.13 -37.14
C PHE B 386 -10.90 23.71 -37.51
N ARG B 387 -10.94 22.80 -36.53
CA ARG B 387 -10.56 21.40 -36.77
C ARG B 387 -11.53 20.49 -36.02
N THR B 388 -11.70 19.28 -36.55
CA THR B 388 -12.50 18.24 -35.90
C THR B 388 -11.73 16.92 -35.95
N ALA B 389 -12.11 15.99 -35.06
CA ALA B 389 -11.59 14.64 -35.16
C ALA B 389 -12.15 14.05 -36.49
N ALA B 390 -11.51 12.99 -36.99
CA ALA B 390 -11.93 12.43 -38.25
C ALA B 390 -11.73 10.94 -38.30
N VAL B 391 -12.50 10.27 -39.16
CA VAL B 391 -12.35 8.83 -39.48
C VAL B 391 -12.52 8.79 -40.98
N GLU B 392 -11.43 8.46 -41.69
CA GLU B 392 -11.42 8.59 -43.16
C GLU B 392 -10.76 7.43 -43.84
N GLY B 393 -11.21 7.14 -45.05
CA GLY B 393 -10.59 6.09 -45.84
C GLY B 393 -11.27 5.97 -47.18
N PRO B 394 -10.87 4.99 -47.98
CA PRO B 394 -9.77 4.07 -47.77
C PRO B 394 -8.43 4.57 -48.31
N PHE B 395 -7.36 3.93 -47.85
CA PHE B 395 -5.99 4.14 -48.32
C PHE B 395 -5.44 2.81 -48.77
N VAL B 396 -4.64 2.84 -49.82
CA VAL B 396 -4.01 1.60 -50.27
C VAL B 396 -2.77 1.37 -49.40
N THR B 397 -2.73 0.24 -48.65
CA THR B 397 -1.59 -0.08 -47.79
C THR B 397 -1.19 -1.53 -48.03
N LEU B 398 0.07 -1.76 -48.36
CA LEU B 398 0.57 -3.10 -48.62
C LEU B 398 1.25 -3.72 -47.42
N ASP B 399 1.31 -5.07 -47.39
CA ASP B 399 1.98 -5.88 -46.37
C ASP B 399 1.63 -5.52 -44.92
N MET B 400 0.33 -5.31 -44.66
CA MET B 400 -0.14 -4.91 -43.32
C MET B 400 0.04 -5.99 -42.25
N GLU B 401 0.02 -7.28 -42.66
CA GLU B 401 0.24 -8.42 -41.75
C GLU B 401 1.64 -8.32 -41.13
N ASP B 402 2.61 -7.74 -41.89
CA ASP B 402 3.99 -7.53 -41.45
C ASP B 402 4.08 -6.54 -40.28
N CYS B 403 3.04 -5.73 -40.06
CA CYS B 403 3.06 -4.76 -38.95
C CYS B 403 2.82 -5.42 -37.60
N GLY B 404 2.19 -6.59 -37.61
CA GLY B 404 1.90 -7.33 -36.40
C GLY B 404 3.13 -7.96 -35.81
N TYR B 405 3.21 -7.96 -34.47
CA TYR B 405 4.32 -8.57 -33.75
C TYR B 405 4.04 -10.05 -33.46
N ASN B 406 5.07 -10.90 -33.58
CA ASN B 406 5.00 -12.33 -33.27
C ASN B 406 6.06 -12.68 -32.24
F 954 C . 1.71 9.67 25.86
C15 954 C . 1.65 8.33 25.96
C13 954 C . 2.10 7.62 27.12
C14 954 C . 2.42 8.34 28.40
N5 954 C . 2.21 6.27 27.14
C16 954 C . 1.26 7.57 24.88
S1 954 C . 0.57 8.45 23.52
C17 954 C . -0.12 7.13 22.52
N6 954 C . 1.38 6.24 24.89
C12 954 C . 1.87 5.64 26.01
N4 954 C . 1.97 4.26 25.99
C10 954 C . 1.43 3.56 24.82
C9 954 C . 1.39 2.10 25.27
O 954 C . 0.50 0.99 23.36
N3 954 C . 2.76 0.93 23.57
N2 954 C . 5.08 1.19 23.61
N1 954 C . 3.84 1.92 25.42
C11 954 C . 2.48 3.34 27.01
C5 954 C . 2.60 1.98 26.22
C 954 C . 2.46 0.71 27.00
C1 954 C . 1.47 0.35 27.94
C2 954 C . 1.63 -0.96 28.44
C3 954 C . 2.74 -1.63 27.89
S 954 C . 3.58 -0.61 26.77
C4 954 C . 3.14 -2.96 28.10
N 954 C . 3.50 -4.04 28.21
C8 954 C . 1.49 1.27 24.00
C7 954 C . 2.85 0.08 22.38
C6 954 C . 3.93 1.38 24.21
F 954 D . -5.92 -10.34 -15.29
C15 954 D . -5.90 -9.01 -15.10
C13 954 D . -6.98 -8.37 -14.48
C14 954 D . -8.13 -9.15 -13.89
N5 954 D . -7.03 -7.04 -14.37
C16 954 D . -4.86 -8.22 -15.57
S1 954 D . -3.50 -9.03 -16.31
C17 954 D . -2.33 -7.68 -16.56
N6 954 D . -4.91 -6.88 -15.49
C12 954 D . -6.01 -6.34 -14.90
N4 954 D . -6.08 -4.97 -14.82
C10 954 D . -4.98 -4.13 -15.25
C9 954 D . -5.35 -2.73 -14.74
O 954 D . -3.54 -1.40 -15.47
N3 954 D . -5.38 -1.34 -16.79
N2 954 D . -7.19 -1.57 -18.28
N1 954 D . -7.35 -2.54 -16.21
C11 954 D . -7.21 -4.20 -14.31
C5 954 D . -6.90 -2.72 -14.83
C 954 D . -7.45 -1.56 -14.05
C1 954 D . -7.40 -1.35 -12.69
C2 954 D . -7.89 -0.09 -12.29
C3 954 D . -8.30 0.69 -13.35
S 954 D . -8.13 -0.15 -14.84
C4 954 D . -8.78 2.01 -13.33
N 954 D . -9.19 3.07 -13.39
C8 954 D . -4.68 -1.75 -15.68
C7 954 D . -4.72 -0.37 -17.68
C6 954 D . -6.65 -1.83 -17.11
#